data_5XNF
#
_entry.id   5XNF
#
_cell.length_a   89.661
_cell.length_b   105.167
_cell.length_c   80.888
_cell.angle_alpha   90.00
_cell.angle_beta   90.00
_cell.angle_gamma   90.00
#
_symmetry.space_group_name_H-M   'P 21 21 21'
#
loop_
_entity.id
_entity.type
_entity.pdbx_description
1 polymer 'N(4)-bis(aminopropyl)spermidine synthase'
2 non-polymer 'FE (III) ION'
3 non-polymer 'SULFATE ION'
4 non-polymer GLYCEROL
5 water water
#
_entity_poly.entity_id   1
_entity_poly.type   'polypeptide(L)'
_entity_poly.pdbx_seq_one_letter_code
;MGSSHHHHHHSSGLVPRGSHMREIIERVKEKTTIPVYERTIENVLSAIQASGDVWRIVDLSEEPLPLVVAVVTALYELGY
VAFENNQVILTRKGKELVEKYGIGPRADYTCSHCQGRTVEIDAFSELLEQFKEITRDRPEPAHQFDQAYVTPETTVARVA
LMHSRGDLENKEVFVLGDDDLTSVALMLSGLPKRIAVLDIDERLTKFIEKAADEIGYENIEIFTFDLRKPLPDYALHKFD
TFITDPPETVEAIRAFVGRGIATLKGPGCAGYFGITRRESSLDKWREIQRVLLNEFGVVITDIIRNFNEYVNWGYVEETR
AWRLLPIKVKPSYNWYKSYMFRIQTLEGSKGFEDEITVGQELYDDEESSTT
;
_entity_poly.pdbx_strand_id   A,B
#
loop_
_chem_comp.id
_chem_comp.type
_chem_comp.name
_chem_comp.formula
FE non-polymer 'FE (III) ION' 'Fe 3'
GOL non-polymer GLYCEROL 'C3 H8 O3'
SO4 non-polymer 'SULFATE ION' 'O4 S -2'
#
# COMPACT_ATOMS: atom_id res chain seq x y z
N SER A 19 20.12 -13.21 -28.91
CA SER A 19 18.99 -12.26 -28.59
C SER A 19 17.61 -12.97 -28.42
N HIS A 20 17.58 -14.00 -27.55
CA HIS A 20 16.34 -14.79 -27.25
C HIS A 20 15.17 -13.86 -26.77
N MET A 21 15.44 -13.11 -25.74
CA MET A 21 14.50 -12.27 -25.05
C MET A 21 13.90 -11.30 -25.99
N ARG A 22 14.69 -10.65 -26.83
CA ARG A 22 14.13 -9.65 -27.73
C ARG A 22 13.18 -10.28 -28.74
N GLU A 23 13.45 -11.50 -29.13
CA GLU A 23 12.58 -12.21 -30.03
C GLU A 23 11.22 -12.50 -29.34
N ILE A 24 11.25 -12.94 -28.09
CA ILE A 24 10.02 -13.24 -27.39
C ILE A 24 9.20 -11.99 -27.26
N ILE A 25 9.83 -10.90 -26.92
CA ILE A 25 9.12 -9.63 -26.75
C ILE A 25 8.39 -9.27 -28.05
N GLU A 26 9.10 -9.28 -29.15
CA GLU A 26 8.48 -9.04 -30.46
C GLU A 26 7.27 -9.95 -30.77
N ARG A 27 7.41 -11.23 -30.48
CA ARG A 27 6.36 -12.18 -30.72
C ARG A 27 5.11 -11.83 -29.92
N VAL A 28 5.35 -11.43 -28.67
CA VAL A 28 4.27 -11.13 -27.73
C VAL A 28 3.56 -9.85 -28.20
N LYS A 29 4.36 -8.85 -28.58
CA LYS A 29 3.78 -7.60 -29.13
C LYS A 29 2.91 -7.69 -30.36
N GLU A 30 3.15 -8.70 -31.18
CA GLU A 30 2.24 -9.11 -32.26
C GLU A 30 0.86 -9.51 -31.77
N LYS A 31 0.80 -10.02 -30.56
CA LYS A 31 -0.44 -10.53 -29.98
C LYS A 31 -1.22 -9.63 -29.09
N THR A 32 -0.72 -8.44 -28.77
CA THR A 32 -1.45 -7.60 -27.83
C THR A 32 -1.05 -6.17 -28.00
N THR A 33 -1.90 -5.27 -27.59
CA THR A 33 -1.59 -3.87 -27.54
C THR A 33 -1.16 -3.43 -26.13
N ILE A 34 -1.26 -4.30 -25.15
CA ILE A 34 -0.80 -3.99 -23.78
C ILE A 34 0.70 -3.81 -23.86
N PRO A 35 1.29 -2.83 -23.14
CA PRO A 35 2.76 -2.79 -23.07
C PRO A 35 3.42 -4.07 -22.56
N VAL A 36 4.57 -4.36 -23.16
CA VAL A 36 5.36 -5.57 -22.97
C VAL A 36 6.80 -5.20 -22.71
N TYR A 37 7.32 -5.64 -21.59
CA TYR A 37 8.71 -5.45 -21.20
C TYR A 37 9.38 -6.82 -20.97
N GLU A 38 10.69 -6.79 -20.89
CA GLU A 38 11.41 -7.90 -20.48
C GLU A 38 10.96 -8.39 -19.10
N ARG A 39 10.64 -7.46 -18.23
CA ARG A 39 10.12 -7.81 -16.87
C ARG A 39 8.80 -8.60 -16.93
N THR A 40 7.98 -8.27 -17.88
CA THR A 40 6.71 -9.00 -18.20
C THR A 40 6.96 -10.49 -18.42
N ILE A 41 7.94 -10.73 -19.30
CA ILE A 41 8.32 -12.11 -19.66
C ILE A 41 8.85 -12.82 -18.42
N GLU A 42 9.64 -12.07 -17.67
CA GLU A 42 10.31 -12.58 -16.52
C GLU A 42 9.38 -13.00 -15.45
N ASN A 43 8.43 -12.09 -15.15
CA ASN A 43 7.30 -12.43 -14.27
C ASN A 43 6.60 -13.69 -14.64
N VAL A 44 6.32 -13.84 -15.93
CA VAL A 44 5.63 -15.02 -16.34
C VAL A 44 6.51 -16.29 -16.17
N LEU A 45 7.75 -16.16 -16.61
CA LEU A 45 8.63 -17.24 -16.56
C LEU A 45 8.86 -17.67 -15.12
N SER A 46 9.00 -16.67 -14.24
CA SER A 46 9.15 -16.91 -12.85
C SER A 46 8.00 -17.68 -12.21
N ALA A 47 6.79 -17.24 -12.55
CA ALA A 47 5.58 -17.94 -12.21
C ALA A 47 5.47 -19.39 -12.67
N ILE A 48 5.80 -19.62 -13.91
CA ILE A 48 5.77 -20.98 -14.52
C ILE A 48 6.66 -21.96 -13.73
N GLN A 49 7.80 -21.52 -13.22
CA GLN A 49 8.66 -22.45 -12.55
C GLN A 49 8.14 -22.75 -11.18
N ALA A 50 7.36 -21.82 -10.61
CA ALA A 50 6.67 -22.08 -9.34
C ALA A 50 5.40 -22.89 -9.49
N SER A 51 4.66 -22.75 -10.61
CA SER A 51 3.42 -23.52 -10.82
C SER A 51 3.12 -23.73 -12.28
N GLY A 52 2.60 -24.91 -12.56
CA GLY A 52 2.07 -25.23 -13.89
C GLY A 52 0.62 -24.94 -14.15
N ASP A 53 -0.09 -24.48 -13.13
CA ASP A 53 -1.50 -24.14 -13.17
C ASP A 53 -1.65 -22.76 -13.72
N VAL A 54 -2.31 -22.67 -14.83
CA VAL A 54 -2.40 -21.39 -15.56
C VAL A 54 -2.98 -20.28 -14.69
N TRP A 55 -3.93 -20.60 -13.81
CA TRP A 55 -4.61 -19.59 -12.96
C TRP A 55 -3.63 -19.09 -11.88
N ARG A 56 -2.84 -20.02 -11.30
CA ARG A 56 -1.75 -19.66 -10.45
C ARG A 56 -0.67 -18.85 -11.12
N ILE A 57 -0.40 -19.15 -12.36
CA ILE A 57 0.63 -18.43 -13.15
C ILE A 57 0.21 -16.98 -13.30
N VAL A 58 -1.05 -16.80 -13.59
CA VAL A 58 -1.60 -15.42 -13.65
C VAL A 58 -1.51 -14.71 -12.29
N ASP A 59 -1.85 -15.45 -11.26
CA ASP A 59 -1.82 -14.95 -9.85
C ASP A 59 -0.36 -14.52 -9.44
N LEU A 60 0.60 -15.43 -9.58
CA LEU A 60 1.93 -15.17 -9.20
C LEU A 60 2.64 -14.18 -10.08
N SER A 61 2.35 -14.14 -11.35
CA SER A 61 3.09 -13.24 -12.17
C SER A 61 2.65 -11.80 -11.98
N GLU A 62 1.41 -11.56 -11.52
CA GLU A 62 0.79 -10.26 -11.40
C GLU A 62 0.83 -9.48 -12.71
N GLU A 63 0.62 -10.20 -13.79
CA GLU A 63 0.49 -9.58 -15.09
C GLU A 63 -0.98 -9.77 -15.53
N PRO A 64 -1.53 -8.88 -16.39
CA PRO A 64 -2.92 -9.05 -16.65
C PRO A 64 -3.14 -10.36 -17.41
N LEU A 65 -4.33 -10.92 -17.22
CA LEU A 65 -4.72 -12.18 -17.87
C LEU A 65 -4.43 -12.29 -19.34
N PRO A 66 -4.92 -11.33 -20.16
CA PRO A 66 -4.64 -11.45 -21.61
C PRO A 66 -3.19 -11.33 -21.97
N LEU A 67 -2.45 -10.51 -21.23
CA LEU A 67 -1.03 -10.43 -21.41
C LEU A 67 -0.34 -11.74 -21.06
N VAL A 68 -0.73 -12.40 -20.02
CA VAL A 68 -0.10 -13.70 -19.73
C VAL A 68 -0.41 -14.69 -20.84
N VAL A 69 -1.62 -14.59 -21.40
CA VAL A 69 -1.95 -15.52 -22.42
C VAL A 69 -1.08 -15.33 -23.60
N ALA A 70 -0.96 -14.06 -24.00
CA ALA A 70 -0.09 -13.73 -25.08
C ALA A 70 1.32 -14.30 -24.85
N VAL A 71 1.81 -14.19 -23.61
CA VAL A 71 3.17 -14.60 -23.30
C VAL A 71 3.37 -16.08 -23.37
N VAL A 72 2.46 -16.76 -22.70
CA VAL A 72 2.49 -18.20 -22.80
C VAL A 72 2.41 -18.68 -24.26
N THR A 73 1.53 -18.07 -25.05
CA THR A 73 1.37 -18.47 -26.44
C THR A 73 2.71 -18.28 -27.17
N ALA A 74 3.31 -17.09 -27.00
CA ALA A 74 4.60 -16.80 -27.65
C ALA A 74 5.73 -17.78 -27.22
N LEU A 75 5.80 -18.01 -25.94
CA LEU A 75 6.75 -18.99 -25.41
C LEU A 75 6.53 -20.37 -26.02
N TYR A 76 5.29 -20.80 -26.07
CA TYR A 76 4.98 -22.06 -26.71
C TYR A 76 5.41 -22.11 -28.20
N GLU A 77 5.01 -21.12 -28.98
CA GLU A 77 5.39 -21.03 -30.38
C GLU A 77 6.85 -21.07 -30.59
N LEU A 78 7.62 -20.42 -29.74
CA LEU A 78 9.10 -20.40 -29.85
C LEU A 78 9.84 -21.57 -29.21
N GLY A 79 9.13 -22.53 -28.62
CA GLY A 79 9.77 -23.78 -28.21
C GLY A 79 10.12 -23.84 -26.76
N TYR A 80 9.84 -22.76 -26.03
CA TYR A 80 10.23 -22.69 -24.64
C TYR A 80 9.25 -23.28 -23.63
N VAL A 81 7.95 -23.33 -23.98
CA VAL A 81 6.99 -24.02 -23.11
C VAL A 81 6.23 -25.10 -23.84
N ALA A 82 5.76 -26.08 -23.07
CA ALA A 82 4.86 -27.11 -23.49
C ALA A 82 3.77 -27.28 -22.48
N PHE A 83 2.75 -27.99 -22.93
CA PHE A 83 1.58 -28.34 -22.12
C PHE A 83 1.51 -29.82 -21.95
N GLU A 84 1.53 -30.27 -20.71
CA GLU A 84 1.71 -31.69 -20.42
C GLU A 84 1.05 -31.99 -19.11
N ASN A 85 0.25 -33.03 -19.08
CA ASN A 85 -0.60 -33.36 -17.91
C ASN A 85 -1.42 -32.22 -17.43
N ASN A 86 -1.92 -31.42 -18.37
CA ASN A 86 -2.68 -30.22 -18.07
C ASN A 86 -1.95 -29.14 -17.28
N GLN A 87 -0.66 -28.99 -17.60
CA GLN A 87 0.20 -28.12 -16.88
C GLN A 87 1.00 -27.35 -17.90
N VAL A 88 1.28 -26.10 -17.58
CA VAL A 88 2.19 -25.32 -18.38
C VAL A 88 3.56 -25.56 -17.86
N ILE A 89 4.43 -26.09 -18.70
CA ILE A 89 5.80 -26.35 -18.24
C ILE A 89 6.86 -25.84 -19.17
N LEU A 90 8.08 -25.74 -18.65
CA LEU A 90 9.23 -25.42 -19.46
C LEU A 90 9.81 -26.63 -20.16
N THR A 91 10.14 -26.46 -21.46
CA THR A 91 10.89 -27.44 -22.24
C THR A 91 12.36 -27.36 -21.82
N ARG A 92 13.19 -28.25 -22.31
CA ARG A 92 14.63 -28.13 -22.11
C ARG A 92 15.10 -26.74 -22.55
N LYS A 93 14.68 -26.36 -23.72
CA LYS A 93 15.01 -25.06 -24.24
C LYS A 93 14.50 -23.91 -23.30
N GLY A 94 13.35 -24.09 -22.66
CA GLY A 94 12.89 -23.13 -21.69
C GLY A 94 13.78 -23.02 -20.48
N LYS A 95 14.25 -24.17 -20.02
CA LYS A 95 15.07 -24.19 -18.83
C LYS A 95 16.39 -23.54 -19.11
N GLU A 96 16.89 -23.73 -20.30
CA GLU A 96 18.12 -23.09 -20.69
C GLU A 96 17.89 -21.60 -20.76
N LEU A 97 16.72 -21.18 -21.30
CA LEU A 97 16.33 -19.74 -21.23
C LEU A 97 16.40 -19.17 -19.77
N VAL A 98 15.76 -19.80 -18.82
CA VAL A 98 15.73 -19.22 -17.46
C VAL A 98 17.07 -19.23 -16.74
N GLU A 99 17.93 -20.21 -17.03
CA GLU A 99 19.28 -20.34 -16.50
C GLU A 99 20.11 -19.24 -17.08
N LYS A 100 20.05 -19.10 -18.40
CA LYS A 100 20.73 -17.99 -19.03
C LYS A 100 20.33 -16.66 -18.47
N TYR A 101 19.03 -16.38 -18.29
CA TYR A 101 18.69 -15.04 -17.84
C TYR A 101 18.62 -15.01 -16.36
N GLY A 102 19.00 -16.04 -15.67
CA GLY A 102 18.96 -15.95 -14.22
C GLY A 102 17.58 -15.86 -13.60
N ILE A 103 16.52 -16.32 -14.30
CA ILE A 103 15.15 -16.13 -13.83
C ILE A 103 14.77 -17.34 -12.90
N GLY A 104 14.70 -17.14 -11.62
CA GLY A 104 14.24 -18.16 -10.67
C GLY A 104 12.76 -18.27 -10.50
N PRO A 105 12.31 -19.32 -9.80
CA PRO A 105 10.93 -19.56 -9.58
C PRO A 105 10.34 -18.52 -8.66
N ARG A 106 9.09 -18.06 -8.79
CA ARG A 106 8.61 -16.96 -7.93
C ARG A 106 8.30 -17.42 -6.53
N ALA A 107 8.92 -16.82 -5.56
CA ALA A 107 8.70 -17.16 -4.18
C ALA A 107 7.60 -16.29 -3.66
N ASP A 108 7.01 -16.78 -2.61
CA ASP A 108 6.00 -16.03 -1.92
C ASP A 108 5.99 -16.26 -0.47
N TYR A 109 5.88 -15.14 0.27
CA TYR A 109 5.83 -15.15 1.73
C TYR A 109 4.64 -14.47 2.40
N THR A 110 3.52 -14.52 1.73
CA THR A 110 2.29 -13.96 2.25
C THR A 110 2.01 -14.53 3.64
N CYS A 111 1.74 -13.66 4.55
CA CYS A 111 1.43 -14.04 5.87
C CYS A 111 0.25 -14.95 5.98
N SER A 112 0.49 -16.10 6.61
CA SER A 112 -0.49 -17.16 6.84
C SER A 112 -1.70 -16.69 7.61
N HIS A 113 -1.52 -15.92 8.66
CA HIS A 113 -2.60 -15.58 9.52
C HIS A 113 -3.56 -14.58 8.89
N CYS A 114 -3.05 -13.51 8.31
CA CYS A 114 -3.96 -12.49 7.85
C CYS A 114 -4.09 -12.54 6.36
N GLN A 115 -3.53 -13.56 5.74
CA GLN A 115 -3.53 -13.68 4.28
C GLN A 115 -2.94 -12.43 3.62
N GLY A 116 -2.00 -11.74 4.24
CA GLY A 116 -1.43 -10.48 3.63
C GLY A 116 -2.27 -9.26 3.82
N ARG A 117 -3.36 -9.34 4.57
CA ARG A 117 -4.30 -8.16 4.58
C ARG A 117 -3.83 -7.01 5.52
N THR A 118 -2.86 -7.31 6.39
CA THR A 118 -2.27 -6.44 7.40
C THR A 118 -3.14 -6.42 8.61
N VAL A 119 -4.36 -6.91 8.48
CA VAL A 119 -5.34 -6.94 9.59
C VAL A 119 -5.74 -8.35 9.90
N GLU A 120 -5.83 -8.65 11.18
CA GLU A 120 -6.36 -9.92 11.61
C GLU A 120 -7.81 -9.68 12.08
N ILE A 121 -8.64 -10.70 11.91
CA ILE A 121 -10.05 -10.57 12.18
C ILE A 121 -10.46 -11.44 13.37
N ASP A 122 -9.53 -11.80 14.24
CA ASP A 122 -9.93 -12.68 15.42
C ASP A 122 -10.95 -11.96 16.30
N ALA A 123 -10.87 -10.62 16.40
CA ALA A 123 -11.78 -9.88 17.30
C ALA A 123 -13.16 -9.75 16.69
N PHE A 124 -13.25 -10.09 15.41
CA PHE A 124 -14.50 -10.04 14.68
C PHE A 124 -15.06 -11.44 14.43
N SER A 125 -14.74 -12.43 15.31
CA SER A 125 -15.31 -13.76 15.03
C SER A 125 -16.85 -13.75 15.06
N GLU A 126 -17.46 -12.94 15.90
CA GLU A 126 -18.90 -12.96 15.93
C GLU A 126 -19.50 -12.31 14.71
N LEU A 127 -18.94 -11.19 14.28
CA LEU A 127 -19.40 -10.58 13.04
C LEU A 127 -19.30 -11.51 11.90
N LEU A 128 -18.19 -12.23 11.81
CA LEU A 128 -17.96 -13.21 10.75
C LEU A 128 -19.05 -14.28 10.75
N GLU A 129 -19.28 -14.83 11.93
CA GLU A 129 -20.35 -15.83 12.02
C GLU A 129 -21.70 -15.27 11.65
N GLN A 130 -22.01 -14.11 12.14
CA GLN A 130 -23.36 -13.56 11.84
C GLN A 130 -23.51 -13.25 10.33
N PHE A 131 -22.42 -12.82 9.67
CA PHE A 131 -22.50 -12.40 8.25
C PHE A 131 -22.70 -13.66 7.44
N LYS A 132 -22.02 -14.75 7.81
CA LYS A 132 -22.19 -15.99 7.01
C LYS A 132 -23.61 -16.51 7.12
N GLU A 133 -24.14 -16.53 8.35
CA GLU A 133 -25.50 -16.96 8.63
C GLU A 133 -26.43 -16.09 7.87
N ILE A 134 -26.25 -14.76 7.92
CA ILE A 134 -27.30 -13.91 7.43
C ILE A 134 -27.29 -13.98 5.89
N THR A 135 -26.16 -14.35 5.29
CA THR A 135 -26.06 -14.34 3.82
C THR A 135 -26.17 -15.75 3.18
N ARG A 136 -26.44 -16.83 3.98
CA ARG A 136 -26.62 -18.22 3.45
C ARG A 136 -27.42 -18.24 2.16
N ASP A 137 -28.46 -17.41 2.11
CA ASP A 137 -29.35 -17.35 0.95
C ASP A 137 -29.14 -16.07 0.09
N ARG A 138 -27.95 -15.52 0.04
CA ARG A 138 -27.76 -14.26 -0.72
C ARG A 138 -27.99 -14.43 -2.20
N PRO A 139 -28.23 -13.36 -2.98
CA PRO A 139 -28.23 -13.52 -4.44
C PRO A 139 -26.98 -14.23 -4.96
N GLU A 140 -27.18 -15.19 -5.85
CA GLU A 140 -26.09 -16.01 -6.36
C GLU A 140 -25.31 -15.04 -7.18
N PRO A 141 -24.02 -15.26 -7.33
CA PRO A 141 -23.23 -14.34 -8.17
C PRO A 141 -23.62 -14.28 -9.66
N ALA A 142 -23.32 -13.17 -10.32
CA ALA A 142 -23.14 -13.12 -11.78
C ALA A 142 -22.07 -14.18 -12.22
N HIS A 143 -22.23 -14.78 -13.39
CA HIS A 143 -21.38 -15.94 -13.75
C HIS A 143 -20.23 -15.46 -14.60
N GLN A 144 -19.47 -14.52 -14.06
CA GLN A 144 -18.28 -14.01 -14.67
C GLN A 144 -17.30 -13.97 -13.56
N PHE A 145 -16.12 -14.65 -13.74
CA PHE A 145 -15.00 -14.70 -12.77
C PHE A 145 -14.72 -13.31 -12.14
N ASP A 146 -14.84 -12.24 -12.99
CA ASP A 146 -14.53 -10.85 -12.54
C ASP A 146 -15.72 -10.01 -11.97
N GLN A 147 -16.92 -10.59 -12.01
CA GLN A 147 -18.15 -10.06 -11.43
C GLN A 147 -18.43 -10.84 -10.17
N ALA A 148 -17.46 -11.56 -9.59
CA ALA A 148 -17.74 -12.34 -8.37
C ALA A 148 -17.84 -11.44 -7.18
N TYR A 149 -18.36 -11.95 -6.11
CA TYR A 149 -18.25 -11.16 -4.87
C TYR A 149 -17.05 -11.73 -4.00
N VAL A 150 -16.56 -10.94 -3.05
CA VAL A 150 -15.39 -11.33 -2.22
C VAL A 150 -15.81 -12.31 -1.14
N THR A 151 -14.88 -13.06 -0.58
CA THR A 151 -15.19 -13.94 0.53
C THR A 151 -15.71 -13.17 1.76
N PRO A 152 -16.39 -13.86 2.65
CA PRO A 152 -16.85 -13.34 3.95
C PRO A 152 -15.73 -12.77 4.75
N GLU A 153 -14.59 -13.43 4.66
CA GLU A 153 -13.40 -13.09 5.43
C GLU A 153 -12.92 -11.74 4.86
N THR A 154 -12.91 -11.65 3.55
CA THR A 154 -12.56 -10.31 2.91
C THR A 154 -13.42 -9.18 3.50
N THR A 155 -14.71 -9.46 3.51
CA THR A 155 -15.67 -8.48 3.91
C THR A 155 -15.43 -8.06 5.34
N VAL A 156 -15.21 -9.04 6.23
CA VAL A 156 -14.94 -8.69 7.64
C VAL A 156 -13.58 -7.99 7.75
N ALA A 157 -12.62 -8.42 6.94
CA ALA A 157 -11.34 -7.78 6.98
C ALA A 157 -11.48 -6.35 6.51
N ARG A 158 -12.39 -6.06 5.56
CA ARG A 158 -12.59 -4.64 5.22
C ARG A 158 -13.12 -3.84 6.36
N VAL A 159 -14.03 -4.40 7.14
CA VAL A 159 -14.59 -3.66 8.29
C VAL A 159 -13.52 -3.34 9.30
N ALA A 160 -12.68 -4.34 9.57
CA ALA A 160 -11.57 -4.15 10.52
C ALA A 160 -10.62 -3.03 10.04
N LEU A 161 -10.28 -3.14 8.77
CA LEU A 161 -9.40 -2.17 8.17
C LEU A 161 -10.05 -0.80 8.30
N MET A 162 -11.22 -0.65 7.81
CA MET A 162 -11.84 0.69 7.78
C MET A 162 -12.05 1.25 9.19
N HIS A 163 -12.36 0.39 10.19
CA HIS A 163 -12.49 0.85 11.52
C HIS A 163 -11.13 1.23 12.11
N SER A 164 -10.08 0.44 11.83
CA SER A 164 -8.75 0.75 12.38
C SER A 164 -8.23 2.11 11.91
N ARG A 165 -8.72 2.59 10.79
CA ARG A 165 -8.39 3.96 10.30
C ARG A 165 -9.36 5.04 10.76
N GLY A 166 -10.32 4.65 11.61
CA GLY A 166 -11.28 5.63 12.15
C GLY A 166 -12.37 6.07 11.15
N ASP A 167 -12.69 5.24 10.15
CA ASP A 167 -13.61 5.63 9.05
C ASP A 167 -15.02 5.04 9.06
N LEU A 168 -15.36 4.33 10.15
CA LEU A 168 -16.66 3.71 10.37
C LEU A 168 -17.51 4.21 11.57
N GLU A 169 -16.91 4.28 12.76
CA GLU A 169 -17.65 4.57 13.98
C GLU A 169 -18.34 5.97 14.01
N ASN A 170 -19.67 5.97 14.08
CA ASN A 170 -20.52 7.19 13.89
C ASN A 170 -20.23 7.92 12.63
N LYS A 171 -19.82 7.23 11.60
CA LYS A 171 -19.62 7.87 10.26
C LYS A 171 -20.76 7.53 9.33
N GLU A 172 -20.93 8.38 8.37
CA GLU A 172 -21.90 8.18 7.35
C GLU A 172 -21.19 7.64 6.11
N VAL A 173 -21.56 6.41 5.78
CA VAL A 173 -20.86 5.57 4.83
C VAL A 173 -21.68 5.31 3.56
N PHE A 174 -21.10 5.64 2.43
CA PHE A 174 -21.70 5.44 1.14
C PHE A 174 -21.08 4.21 0.47
N VAL A 175 -21.91 3.22 0.17
CA VAL A 175 -21.54 2.02 -0.51
C VAL A 175 -22.04 2.05 -1.95
N LEU A 176 -21.11 2.29 -2.89
CA LEU A 176 -21.46 2.39 -4.27
C LEU A 176 -21.25 1.09 -5.06
N GLY A 177 -22.36 0.36 -5.23
CA GLY A 177 -22.50 -0.97 -5.75
C GLY A 177 -22.22 -1.86 -4.51
N ASP A 178 -23.03 -2.90 -4.33
CA ASP A 178 -22.80 -3.73 -3.20
C ASP A 178 -23.08 -5.16 -3.43
N ASP A 179 -22.53 -5.71 -4.50
CA ASP A 179 -22.56 -7.20 -4.67
C ASP A 179 -21.94 -7.93 -3.53
N ASP A 180 -20.98 -7.27 -2.89
CA ASP A 180 -20.25 -7.86 -1.79
C ASP A 180 -21.03 -7.91 -0.47
N LEU A 181 -22.15 -7.14 -0.36
CA LEU A 181 -22.99 -7.02 0.79
C LEU A 181 -22.24 -6.50 1.99
N THR A 182 -21.34 -5.58 1.68
CA THR A 182 -20.65 -4.82 2.70
C THR A 182 -21.63 -4.10 3.68
N SER A 183 -22.74 -3.58 3.14
CA SER A 183 -23.61 -2.87 3.97
C SER A 183 -24.18 -3.79 5.05
N VAL A 184 -24.29 -5.03 4.71
CA VAL A 184 -24.81 -6.01 5.67
C VAL A 184 -23.84 -6.23 6.76
N ALA A 185 -22.57 -6.42 6.40
CA ALA A 185 -21.55 -6.49 7.45
C ALA A 185 -21.55 -5.25 8.27
N LEU A 186 -21.63 -4.10 7.61
CA LEU A 186 -21.56 -2.84 8.34
C LEU A 186 -22.77 -2.72 9.29
N MET A 187 -23.95 -3.06 8.81
CA MET A 187 -25.08 -3.06 9.74
C MET A 187 -24.82 -3.97 10.91
N LEU A 188 -24.38 -5.19 10.69
CA LEU A 188 -24.13 -6.12 11.86
C LEU A 188 -23.11 -5.51 12.79
N SER A 189 -22.17 -4.74 12.24
CA SER A 189 -21.08 -4.19 13.12
C SER A 189 -21.61 -3.15 14.09
N GLY A 190 -22.74 -2.55 13.75
CA GLY A 190 -23.24 -1.52 14.60
C GLY A 190 -22.43 -0.24 14.54
N LEU A 191 -21.40 -0.11 13.70
CA LEU A 191 -20.49 1.05 13.86
C LEU A 191 -21.01 2.37 13.24
N PRO A 192 -21.51 2.32 12.03
CA PRO A 192 -21.76 3.62 11.40
C PRO A 192 -22.96 4.35 12.00
N LYS A 193 -22.98 5.66 11.85
CA LYS A 193 -24.18 6.48 12.06
C LYS A 193 -25.24 6.10 11.04
N ARG A 194 -24.85 5.96 9.75
CA ARG A 194 -25.77 5.58 8.68
C ARG A 194 -25.03 5.07 7.46
N ILE A 195 -25.75 4.33 6.62
CA ILE A 195 -25.23 3.62 5.49
C ILE A 195 -26.18 3.86 4.37
N ALA A 196 -25.68 4.35 3.24
CA ALA A 196 -26.48 4.40 2.01
C ALA A 196 -25.81 3.47 0.99
N VAL A 197 -26.64 2.74 0.24
CA VAL A 197 -26.18 1.85 -0.78
C VAL A 197 -26.79 2.26 -2.13
N LEU A 198 -25.96 2.41 -3.14
CA LEU A 198 -26.43 2.71 -4.48
C LEU A 198 -26.23 1.44 -5.20
N ASP A 199 -27.32 0.88 -5.64
CA ASP A 199 -27.27 -0.27 -6.51
C ASP A 199 -28.69 -0.38 -7.10
N ILE A 200 -28.68 -0.64 -8.39
CA ILE A 200 -29.89 -0.80 -9.21
C ILE A 200 -30.28 -2.27 -9.40
N ASP A 201 -29.44 -3.20 -8.93
CA ASP A 201 -29.80 -4.58 -8.87
C ASP A 201 -30.74 -4.73 -7.69
N GLU A 202 -32.02 -4.80 -8.05
CA GLU A 202 -33.08 -4.84 -7.09
C GLU A 202 -33.06 -6.14 -6.27
N ARG A 203 -32.45 -7.19 -6.79
CA ARG A 203 -32.36 -8.42 -6.02
C ARG A 203 -31.44 -8.15 -4.83
N LEU A 204 -30.37 -7.39 -5.06
CA LEU A 204 -29.48 -7.03 -3.98
C LEU A 204 -30.05 -6.08 -2.95
N THR A 205 -30.59 -4.99 -3.42
CA THR A 205 -31.16 -4.00 -2.51
C THR A 205 -32.33 -4.56 -1.73
N LYS A 206 -33.16 -5.35 -2.38
CA LYS A 206 -34.22 -6.06 -1.64
C LYS A 206 -33.62 -6.95 -0.56
N PHE A 207 -32.60 -7.73 -0.90
CA PHE A 207 -32.01 -8.59 0.10
C PHE A 207 -31.44 -7.73 1.27
N ILE A 208 -30.92 -6.56 0.92
CA ILE A 208 -30.31 -5.70 1.95
C ILE A 208 -31.34 -5.20 2.89
N GLU A 209 -32.48 -4.78 2.34
CA GLU A 209 -33.66 -4.46 3.17
C GLU A 209 -34.14 -5.59 4.05
N LYS A 210 -34.22 -6.77 3.48
CA LYS A 210 -34.59 -7.93 4.30
C LYS A 210 -33.62 -8.09 5.48
N ALA A 211 -32.31 -8.00 5.19
CA ALA A 211 -31.35 -8.14 6.27
C ALA A 211 -31.50 -7.01 7.31
N ALA A 212 -31.72 -5.79 6.83
CA ALA A 212 -31.86 -4.70 7.78
C ALA A 212 -33.07 -4.90 8.76
N ASP A 213 -34.19 -5.26 8.20
CA ASP A 213 -35.39 -5.61 8.98
C ASP A 213 -35.12 -6.79 9.96
N GLU A 214 -34.45 -7.80 9.49
CA GLU A 214 -34.12 -8.89 10.33
C GLU A 214 -33.22 -8.46 11.46
N ILE A 215 -32.33 -7.53 11.25
CA ILE A 215 -31.40 -7.06 12.24
C ILE A 215 -32.06 -5.96 13.04
N GLY A 216 -33.08 -5.34 12.51
CA GLY A 216 -33.66 -4.21 13.22
C GLY A 216 -32.88 -2.92 12.97
N TYR A 217 -32.10 -2.88 11.88
CA TYR A 217 -31.26 -1.65 11.62
C TYR A 217 -32.09 -0.65 10.89
N GLU A 218 -32.18 0.57 11.39
CA GLU A 218 -33.06 1.58 10.80
C GLU A 218 -32.34 2.67 10.03
N ASN A 219 -31.01 2.72 10.08
CA ASN A 219 -30.22 3.83 9.46
C ASN A 219 -29.57 3.48 8.12
N ILE A 220 -30.31 2.76 7.31
CA ILE A 220 -29.88 2.28 6.05
C ILE A 220 -30.74 3.00 5.01
N GLU A 221 -30.13 3.42 3.94
CA GLU A 221 -30.88 3.93 2.82
C GLU A 221 -30.40 3.40 1.48
N ILE A 222 -31.37 3.19 0.60
CA ILE A 222 -31.16 2.69 -0.72
C ILE A 222 -31.30 3.85 -1.69
N PHE A 223 -30.32 4.06 -2.51
CA PHE A 223 -30.42 5.05 -3.60
C PHE A 223 -30.46 4.28 -4.92
N THR A 224 -31.09 4.87 -5.90
CA THR A 224 -31.19 4.23 -7.17
C THR A 224 -31.04 5.21 -8.34
N PHE A 225 -30.56 6.43 -8.09
CA PHE A 225 -30.37 7.38 -9.16
C PHE A 225 -29.38 6.87 -10.20
N ASP A 226 -29.39 7.53 -11.35
CA ASP A 226 -28.58 7.19 -12.51
C ASP A 226 -27.21 7.80 -12.28
N LEU A 227 -26.20 6.97 -12.28
CA LEU A 227 -24.86 7.41 -11.87
C LEU A 227 -24.28 8.33 -12.93
N ARG A 228 -24.78 8.18 -14.16
CA ARG A 228 -24.29 9.03 -15.23
C ARG A 228 -24.71 10.44 -15.08
N LYS A 229 -25.84 10.66 -14.38
CA LYS A 229 -26.39 11.97 -14.15
C LYS A 229 -25.67 12.52 -12.94
N PRO A 230 -25.54 13.86 -12.87
CA PRO A 230 -24.89 14.49 -11.72
C PRO A 230 -25.48 13.94 -10.46
N LEU A 231 -24.72 13.90 -9.38
CA LEU A 231 -25.23 13.40 -8.15
C LEU A 231 -26.40 14.29 -7.70
N PRO A 232 -27.47 13.70 -7.11
CA PRO A 232 -28.46 14.57 -6.46
C PRO A 232 -27.98 15.26 -5.20
N ASP A 233 -28.73 16.27 -4.81
CA ASP A 233 -28.31 17.06 -3.66
C ASP A 233 -28.32 16.19 -2.40
N TYR A 234 -29.06 15.09 -2.36
CA TYR A 234 -29.03 14.22 -1.17
C TYR A 234 -27.79 13.26 -1.07
N ALA A 235 -26.99 13.24 -2.14
CA ALA A 235 -25.75 12.46 -2.14
C ALA A 235 -24.51 13.36 -2.21
N LEU A 236 -24.60 14.56 -2.80
CA LEU A 236 -23.43 15.42 -3.00
C LEU A 236 -22.90 15.90 -1.65
N HIS A 237 -21.64 15.60 -1.38
CA HIS A 237 -20.98 16.11 -0.17
C HIS A 237 -21.67 15.77 1.11
N LYS A 238 -22.28 14.60 1.17
CA LYS A 238 -23.05 14.16 2.37
C LYS A 238 -22.41 13.04 3.19
N PHE A 239 -21.27 12.49 2.79
CA PHE A 239 -20.69 11.27 3.49
C PHE A 239 -19.30 11.48 4.04
N ASP A 240 -18.96 10.66 5.00
CA ASP A 240 -17.60 10.65 5.56
C ASP A 240 -16.63 9.65 4.88
N THR A 241 -17.20 8.58 4.34
CA THR A 241 -16.46 7.44 3.84
C THR A 241 -17.26 6.81 2.73
N PHE A 242 -16.61 6.43 1.63
CA PHE A 242 -17.23 5.58 0.63
C PHE A 242 -16.39 4.38 0.31
N ILE A 243 -17.08 3.38 -0.22
CA ILE A 243 -16.45 2.22 -0.65
C ILE A 243 -17.05 1.81 -1.97
N THR A 244 -16.23 1.45 -2.93
CA THR A 244 -16.78 1.00 -4.20
C THR A 244 -15.77 0.05 -4.84
N ASP A 245 -16.24 -0.81 -5.70
CA ASP A 245 -15.38 -1.70 -6.53
C ASP A 245 -15.59 -1.30 -8.02
N PRO A 246 -14.70 -0.52 -8.58
CA PRO A 246 -15.06 0.03 -9.89
C PRO A 246 -14.76 -0.97 -11.02
N PRO A 247 -15.48 -0.88 -12.13
CA PRO A 247 -14.98 -1.67 -13.21
C PRO A 247 -13.57 -1.17 -13.59
N GLU A 248 -12.74 -2.08 -14.06
CA GLU A 248 -11.35 -1.74 -14.29
C GLU A 248 -10.92 -1.08 -15.63
N THR A 249 -11.37 0.15 -15.82
CA THR A 249 -10.82 0.93 -16.94
C THR A 249 -10.55 2.26 -16.33
N VAL A 250 -9.66 3.03 -16.95
CA VAL A 250 -9.35 4.33 -16.44
C VAL A 250 -10.63 5.14 -16.35
N GLU A 251 -11.44 5.09 -17.40
CA GLU A 251 -12.66 5.88 -17.46
C GLU A 251 -13.68 5.48 -16.43
N ALA A 252 -13.76 4.22 -16.12
CA ALA A 252 -14.68 3.77 -15.08
C ALA A 252 -14.26 4.05 -13.67
N ILE A 253 -12.95 3.95 -13.38
CA ILE A 253 -12.40 4.41 -12.11
C ILE A 253 -12.57 5.94 -11.96
N ARG A 254 -12.33 6.71 -13.00
CA ARG A 254 -12.62 8.13 -12.94
C ARG A 254 -14.05 8.37 -12.53
N ALA A 255 -14.97 7.67 -13.17
CA ALA A 255 -16.36 7.81 -12.87
C ALA A 255 -16.76 7.36 -11.47
N PHE A 256 -16.43 6.13 -11.15
CA PHE A 256 -16.92 5.55 -9.92
C PHE A 256 -16.22 6.14 -8.74
N VAL A 257 -14.87 6.15 -8.78
CA VAL A 257 -14.14 6.74 -7.68
C VAL A 257 -14.37 8.22 -7.60
N GLY A 258 -14.40 8.89 -8.75
CA GLY A 258 -14.68 10.33 -8.71
C GLY A 258 -16.02 10.67 -8.11
N ARG A 259 -17.05 9.90 -8.44
CA ARG A 259 -18.35 10.12 -7.85
C ARG A 259 -18.27 9.84 -6.41
N GLY A 260 -17.59 8.73 -6.01
CA GLY A 260 -17.46 8.51 -4.55
C GLY A 260 -16.85 9.72 -3.78
N ILE A 261 -15.79 10.28 -4.34
CA ILE A 261 -15.19 11.47 -3.79
C ILE A 261 -16.15 12.66 -3.74
N ALA A 262 -16.98 12.81 -4.77
CA ALA A 262 -17.94 13.95 -4.79
C ALA A 262 -19.03 13.74 -3.70
N THR A 263 -19.26 12.49 -3.26
CA THR A 263 -20.14 12.28 -2.09
C THR A 263 -19.58 12.64 -0.73
N LEU A 264 -18.29 12.82 -0.66
CA LEU A 264 -17.67 13.15 0.61
C LEU A 264 -17.85 14.64 0.96
N LYS A 265 -17.89 14.90 2.25
CA LYS A 265 -18.12 16.24 2.75
C LYS A 265 -17.07 17.29 2.44
N GLY A 266 -15.81 16.85 2.39
CA GLY A 266 -14.68 17.76 2.29
C GLY A 266 -13.40 16.99 2.69
N PRO A 267 -12.32 17.75 2.99
CA PRO A 267 -11.06 17.20 3.41
C PRO A 267 -11.23 16.31 4.64
N GLY A 268 -10.41 15.31 4.78
CA GLY A 268 -10.42 14.42 5.94
C GLY A 268 -11.34 13.24 5.85
N CYS A 269 -11.82 12.99 4.67
CA CYS A 269 -12.75 11.94 4.47
C CYS A 269 -12.05 10.79 3.72
N ALA A 270 -12.62 9.61 3.74
CA ALA A 270 -11.94 8.44 3.23
C ALA A 270 -12.73 7.78 2.04
N GLY A 271 -11.96 7.18 1.12
CA GLY A 271 -12.45 6.25 0.09
C GLY A 271 -11.66 4.92 0.16
N TYR A 272 -12.38 3.82 -0.09
CA TYR A 272 -11.82 2.51 -0.28
C TYR A 272 -12.26 1.87 -1.60
N PHE A 273 -11.35 1.38 -2.42
CA PHE A 273 -11.75 0.64 -3.53
C PHE A 273 -10.67 -0.36 -3.93
N GLY A 274 -11.04 -1.29 -4.81
CA GLY A 274 -10.21 -2.32 -5.36
C GLY A 274 -9.67 -2.13 -6.76
N ILE A 275 -8.40 -2.46 -6.96
CA ILE A 275 -7.78 -2.44 -8.25
C ILE A 275 -6.97 -3.71 -8.40
N THR A 276 -7.09 -4.35 -9.51
CA THR A 276 -6.51 -5.65 -9.75
C THR A 276 -5.18 -5.58 -10.56
N ARG A 277 -4.30 -6.59 -10.45
CA ARG A 277 -3.24 -6.81 -11.39
C ARG A 277 -3.67 -7.78 -12.51
N ARG A 278 -4.81 -8.38 -12.28
CA ARG A 278 -5.41 -9.35 -13.20
C ARG A 278 -5.93 -8.72 -14.49
N GLU A 279 -6.37 -7.50 -14.44
CA GLU A 279 -7.04 -6.88 -15.55
C GLU A 279 -6.54 -5.53 -15.88
N SER A 280 -5.56 -5.06 -15.14
CA SER A 280 -5.00 -3.74 -15.31
C SER A 280 -3.46 -3.85 -15.25
N SER A 281 -2.79 -3.49 -16.34
CA SER A 281 -1.33 -3.50 -16.42
C SER A 281 -0.79 -2.42 -15.46
N LEU A 282 0.47 -2.50 -15.11
CA LEU A 282 1.02 -1.43 -14.35
C LEU A 282 1.07 -0.09 -15.15
N ASP A 283 1.14 -0.14 -16.48
CA ASP A 283 1.04 1.18 -17.20
C ASP A 283 -0.29 1.83 -16.95
N LYS A 284 -1.31 0.99 -16.88
CA LYS A 284 -2.63 1.41 -16.50
C LYS A 284 -2.73 1.90 -15.08
N TRP A 285 -2.14 1.17 -14.11
CA TRP A 285 -2.09 1.70 -12.78
C TRP A 285 -1.47 3.10 -12.74
N ARG A 286 -0.40 3.33 -13.49
CA ARG A 286 0.19 4.69 -13.52
C ARG A 286 -0.83 5.79 -13.89
N GLU A 287 -1.60 5.50 -14.92
CA GLU A 287 -2.71 6.41 -15.39
C GLU A 287 -3.74 6.57 -14.32
N ILE A 288 -4.13 5.43 -13.71
CA ILE A 288 -5.06 5.49 -12.60
C ILE A 288 -4.57 6.39 -11.45
N GLN A 289 -3.29 6.27 -11.01
CA GLN A 289 -2.85 6.99 -9.87
C GLN A 289 -2.71 8.47 -10.30
N ARG A 290 -2.44 8.71 -11.56
CA ARG A 290 -2.42 10.15 -12.04
C ARG A 290 -3.77 10.77 -11.98
N VAL A 291 -4.83 9.98 -12.29
CA VAL A 291 -6.17 10.53 -12.06
C VAL A 291 -6.36 10.89 -10.58
N LEU A 292 -6.00 9.97 -9.67
CA LEU A 292 -6.27 10.22 -8.30
C LEU A 292 -5.51 11.45 -7.76
N LEU A 293 -4.24 11.51 -8.12
CA LEU A 293 -3.36 12.54 -7.57
C LEU A 293 -3.49 13.87 -8.26
N ASN A 294 -3.75 13.86 -9.54
CA ASN A 294 -3.79 15.16 -10.35
C ASN A 294 -5.21 15.63 -10.65
N GLU A 295 -6.12 14.73 -11.03
CA GLU A 295 -7.55 15.15 -11.29
C GLU A 295 -8.33 15.32 -10.02
N PHE A 296 -8.19 14.40 -9.07
CA PHE A 296 -8.89 14.53 -7.86
C PHE A 296 -8.09 15.20 -6.73
N GLY A 297 -6.77 15.20 -6.77
CA GLY A 297 -6.12 15.88 -5.67
C GLY A 297 -6.31 15.04 -4.36
N VAL A 298 -6.49 13.75 -4.51
CA VAL A 298 -6.51 12.90 -3.23
C VAL A 298 -5.17 12.22 -2.99
N VAL A 299 -4.94 11.72 -1.74
CA VAL A 299 -3.67 11.07 -1.44
C VAL A 299 -3.98 9.60 -1.21
N ILE A 300 -3.05 8.72 -1.61
CA ILE A 300 -3.25 7.30 -1.46
C ILE A 300 -2.54 6.96 -0.21
N THR A 301 -3.23 6.51 0.78
CA THR A 301 -2.61 6.20 2.04
C THR A 301 -2.26 4.73 2.20
N ASP A 302 -2.86 3.86 1.42
CA ASP A 302 -2.58 2.42 1.54
C ASP A 302 -2.80 1.74 0.19
N ILE A 303 -1.93 0.84 -0.19
CA ILE A 303 -2.09 0.00 -1.36
C ILE A 303 -1.60 -1.43 -0.95
N ILE A 304 -2.54 -2.37 -0.72
CA ILE A 304 -2.28 -3.63 0.00
C ILE A 304 -2.67 -4.75 -0.95
N ARG A 305 -1.65 -5.51 -1.34
CA ARG A 305 -1.75 -6.46 -2.42
C ARG A 305 -2.68 -7.63 -1.97
N ASN A 306 -3.59 -7.98 -2.86
CA ASN A 306 -4.44 -9.10 -2.73
C ASN A 306 -5.23 -9.09 -1.49
N PHE A 307 -5.59 -7.93 -0.97
CA PHE A 307 -6.43 -7.82 0.24
C PHE A 307 -7.74 -8.45 0.00
N ASN A 308 -8.28 -8.22 -1.22
CA ASN A 308 -9.60 -8.76 -1.67
C ASN A 308 -9.49 -10.04 -2.44
N GLU A 309 -10.08 -11.09 -1.88
CA GLU A 309 -10.12 -12.40 -2.47
C GLU A 309 -11.53 -12.66 -2.98
N TYR A 310 -11.68 -12.95 -4.26
CA TYR A 310 -12.99 -13.19 -4.83
C TYR A 310 -13.31 -14.67 -4.82
N VAL A 311 -14.57 -14.97 -4.71
CA VAL A 311 -15.02 -16.41 -4.73
C VAL A 311 -14.97 -16.96 -6.14
N ASN A 312 -14.43 -18.14 -6.29
CA ASN A 312 -14.30 -18.81 -7.58
C ASN A 312 -15.33 -19.86 -7.74
N TRP A 313 -16.12 -19.72 -8.76
CA TRP A 313 -16.95 -20.85 -9.19
C TRP A 313 -16.62 -21.39 -10.61
N GLY A 314 -15.41 -21.15 -11.11
CA GLY A 314 -15.00 -21.71 -12.38
C GLY A 314 -15.58 -20.94 -13.56
N TYR A 315 -16.14 -19.74 -13.37
CA TYR A 315 -16.76 -18.96 -14.49
C TYR A 315 -15.72 -18.22 -15.34
N VAL A 316 -14.88 -19.03 -16.00
CA VAL A 316 -13.78 -18.50 -16.82
C VAL A 316 -13.85 -18.88 -18.31
N GLU A 317 -14.97 -19.48 -18.69
CA GLU A 317 -15.09 -20.01 -20.03
C GLU A 317 -15.06 -18.96 -21.13
N GLU A 318 -15.28 -17.68 -20.83
CA GLU A 318 -15.19 -16.62 -21.81
C GLU A 318 -13.77 -16.15 -22.05
N THR A 319 -12.87 -16.49 -21.18
CA THR A 319 -11.54 -15.91 -21.25
C THR A 319 -10.83 -16.58 -22.41
N ARG A 320 -9.94 -15.83 -23.02
CA ARG A 320 -8.94 -16.36 -23.94
C ARG A 320 -8.14 -17.49 -23.35
N ALA A 321 -7.85 -17.31 -22.09
CA ALA A 321 -7.14 -18.36 -21.33
C ALA A 321 -7.84 -19.71 -21.48
N TRP A 322 -9.15 -19.70 -21.28
CA TRP A 322 -9.91 -20.94 -21.31
C TRP A 322 -10.03 -21.35 -22.74
N ARG A 323 -10.30 -20.35 -23.60
CA ARG A 323 -10.83 -20.65 -24.93
C ARG A 323 -9.78 -21.17 -25.86
N LEU A 324 -8.61 -20.58 -25.77
CA LEU A 324 -7.62 -20.83 -26.77
C LEU A 324 -6.41 -21.58 -26.28
N LEU A 325 -6.17 -21.72 -24.99
CA LEU A 325 -5.08 -22.61 -24.56
C LEU A 325 -5.53 -24.08 -24.50
N PRO A 326 -4.59 -25.03 -24.68
CA PRO A 326 -4.90 -26.44 -24.56
C PRO A 326 -5.21 -26.88 -23.18
N ILE A 327 -4.91 -26.09 -22.17
CA ILE A 327 -5.31 -26.43 -20.80
C ILE A 327 -6.73 -25.94 -20.67
N LYS A 328 -7.54 -26.89 -20.21
CA LYS A 328 -8.89 -26.67 -19.99
C LYS A 328 -9.15 -27.18 -18.59
N VAL A 329 -8.48 -26.62 -17.58
CA VAL A 329 -8.86 -26.94 -16.22
C VAL A 329 -9.37 -25.66 -15.61
N LYS A 330 -10.42 -25.81 -14.85
CA LYS A 330 -11.00 -24.75 -14.10
C LYS A 330 -10.13 -24.44 -12.87
N PRO A 331 -10.14 -23.18 -12.41
CA PRO A 331 -9.39 -22.85 -11.24
C PRO A 331 -9.79 -23.70 -10.01
N SER A 332 -8.79 -24.09 -9.25
CA SER A 332 -9.06 -24.96 -8.04
C SER A 332 -9.01 -24.15 -6.76
N TYR A 333 -8.95 -22.81 -6.85
CA TYR A 333 -8.85 -21.95 -5.67
C TYR A 333 -9.22 -20.54 -6.06
N ASN A 334 -9.29 -19.69 -5.06
CA ASN A 334 -9.68 -18.30 -5.31
C ASN A 334 -8.58 -17.44 -5.88
N TRP A 335 -8.24 -17.67 -7.13
CA TRP A 335 -7.10 -17.08 -7.87
C TRP A 335 -7.25 -15.59 -8.17
N TYR A 336 -8.48 -15.10 -8.15
CA TYR A 336 -8.80 -13.69 -8.59
C TYR A 336 -8.84 -12.82 -7.36
N LYS A 337 -7.91 -11.89 -7.25
CA LYS A 337 -7.75 -11.06 -6.09
C LYS A 337 -7.42 -9.66 -6.55
N SER A 338 -7.78 -8.68 -5.73
CA SER A 338 -7.48 -7.28 -6.02
C SER A 338 -6.77 -6.63 -4.82
N TYR A 339 -6.11 -5.51 -5.11
CA TYR A 339 -5.45 -4.71 -4.08
C TYR A 339 -6.47 -3.82 -3.47
N MET A 340 -6.31 -3.48 -2.19
CA MET A 340 -7.11 -2.49 -1.50
C MET A 340 -6.37 -1.18 -1.60
N PHE A 341 -7.04 -0.15 -2.17
CA PHE A 341 -6.57 1.24 -2.07
C PHE A 341 -7.39 1.95 -1.04
N ARG A 342 -6.76 2.77 -0.18
CA ARG A 342 -7.43 3.73 0.60
C ARG A 342 -6.94 5.12 0.12
N ILE A 343 -7.85 6.10 0.04
CA ILE A 343 -7.47 7.45 -0.26
C ILE A 343 -8.04 8.32 0.83
N GLN A 344 -7.53 9.56 0.96
CA GLN A 344 -8.09 10.46 1.91
C GLN A 344 -8.14 11.80 1.23
N THR A 345 -9.16 12.57 1.56
CA THR A 345 -9.29 13.93 0.98
C THR A 345 -8.50 15.00 1.76
N LEU A 346 -8.14 16.05 1.04
CA LEU A 346 -7.34 17.07 1.55
C LEU A 346 -7.82 18.40 0.98
N GLU A 347 -7.33 19.46 1.54
CA GLU A 347 -7.64 20.77 0.94
C GLU A 347 -7.46 20.74 -0.58
N GLY A 348 -8.44 21.19 -1.32
CA GLY A 348 -8.39 21.39 -2.81
C GLY A 348 -8.76 20.07 -3.52
N SER A 349 -8.99 18.97 -2.78
CA SER A 349 -9.48 17.76 -3.40
C SER A 349 -10.85 17.94 -4.05
N LYS A 350 -11.14 17.20 -5.12
CA LYS A 350 -12.41 17.28 -5.85
C LYS A 350 -12.71 15.89 -6.46
N GLY A 351 -13.96 15.57 -6.60
CA GLY A 351 -14.40 14.40 -7.28
C GLY A 351 -14.71 14.67 -8.74
N PHE A 352 -15.57 13.83 -9.29
CA PHE A 352 -15.97 13.86 -10.65
C PHE A 352 -17.49 14.05 -10.62
N GLU A 353 -17.93 15.26 -10.95
CA GLU A 353 -19.36 15.69 -10.83
C GLU A 353 -20.14 15.79 -12.13
N ASP A 354 -19.44 15.79 -13.24
CA ASP A 354 -20.01 15.88 -14.57
C ASP A 354 -20.88 14.72 -14.91
N GLU A 355 -21.77 15.02 -15.83
CA GLU A 355 -22.52 13.99 -16.49
C GLU A 355 -21.59 13.06 -17.25
N ILE A 356 -21.74 11.75 -17.13
CA ILE A 356 -21.07 10.80 -18.01
C ILE A 356 -21.92 10.57 -19.25
N THR A 357 -21.36 10.94 -20.40
CA THR A 357 -21.98 10.87 -21.72
C THR A 357 -21.57 9.55 -22.42
N VAL A 358 -20.30 9.10 -22.23
CA VAL A 358 -19.84 7.77 -22.70
C VAL A 358 -20.77 6.64 -22.29
N GLY A 359 -20.85 5.61 -23.14
CA GLY A 359 -21.70 4.46 -22.91
C GLY A 359 -21.07 3.26 -22.20
N GLN A 360 -21.67 2.08 -22.38
CA GLN A 360 -21.08 0.81 -21.93
C GLN A 360 -19.56 0.71 -22.32
N GLU A 361 -19.18 1.35 -23.45
CA GLU A 361 -17.78 1.77 -23.85
C GLU A 361 -16.84 2.11 -22.69
N LEU A 362 -17.40 2.27 -21.48
CA LEU A 362 -16.72 2.68 -20.27
C LEU A 362 -16.23 1.46 -19.51
N TYR A 363 -16.94 0.33 -19.67
CA TYR A 363 -16.60 -0.94 -19.02
C TYR A 363 -15.73 -1.82 -19.95
N ASP A 364 -15.08 -1.21 -20.94
CA ASP A 364 -14.25 -1.94 -21.90
C ASP A 364 -12.99 -1.17 -22.31
N ASP A 365 -11.85 -1.84 -22.25
CA ASP A 365 -10.63 -1.27 -22.78
C ASP A 365 -9.76 -2.32 -23.48
N GLU A 366 -8.98 -1.78 -24.41
CA GLU A 366 -8.00 -2.51 -25.21
C GLU A 366 -7.22 -3.57 -24.40
N GLU A 367 -7.06 -3.36 -23.10
CA GLU A 367 -6.50 -4.41 -22.23
C GLU A 367 -7.45 -5.65 -22.08
N SER A 368 -8.25 -5.93 -23.14
CA SER A 368 -9.34 -6.98 -23.15
C SER A 368 -10.25 -6.85 -21.96
N SER B 19 -19.60 26.25 18.66
CA SER B 19 -18.63 25.92 17.57
C SER B 19 -17.23 25.61 18.14
N HIS B 20 -17.26 24.69 19.08
CA HIS B 20 -16.11 24.04 19.66
C HIS B 20 -14.96 23.69 18.66
N MET B 21 -15.25 22.88 17.67
CA MET B 21 -14.23 22.35 16.79
C MET B 21 -13.56 23.45 16.05
N ARG B 22 -14.33 24.40 15.54
CA ARG B 22 -13.76 25.58 14.87
C ARG B 22 -12.87 26.31 15.80
N GLU B 23 -13.19 26.41 17.08
CA GLU B 23 -12.25 27.12 17.99
C GLU B 23 -10.89 26.37 18.14
N ILE B 24 -10.97 25.05 18.27
CA ILE B 24 -9.81 24.22 18.41
C ILE B 24 -8.96 24.33 17.17
N ILE B 25 -9.56 24.27 15.99
CA ILE B 25 -8.80 24.32 14.76
C ILE B 25 -7.95 25.63 14.72
N GLU B 26 -8.56 26.75 15.06
CA GLU B 26 -7.90 28.06 14.94
C GLU B 26 -6.77 28.20 15.92
N ARG B 27 -6.97 27.64 17.10
CA ARG B 27 -5.92 27.60 18.10
C ARG B 27 -4.67 26.81 17.62
N VAL B 28 -4.92 25.63 17.07
CA VAL B 28 -3.80 24.80 16.58
C VAL B 28 -3.06 25.53 15.40
N LYS B 29 -3.84 26.16 14.53
CA LYS B 29 -3.24 26.97 13.43
C LYS B 29 -2.33 28.08 13.88
N GLU B 30 -2.52 28.57 15.09
CA GLU B 30 -1.60 29.60 15.63
C GLU B 30 -0.26 29.00 15.93
N LYS B 31 -0.22 27.69 16.18
CA LYS B 31 0.97 26.99 16.58
C LYS B 31 1.77 26.25 15.50
N THR B 32 1.35 26.29 14.24
CA THR B 32 2.05 25.50 13.19
C THR B 32 1.61 25.96 11.82
N THR B 33 2.43 25.72 10.82
CA THR B 33 2.08 25.95 9.42
C THR B 33 1.60 24.70 8.70
N ILE B 34 1.67 23.57 9.37
CA ILE B 34 1.21 22.32 8.78
C ILE B 34 -0.31 22.46 8.64
N PRO B 35 -0.92 21.94 7.59
CA PRO B 35 -2.40 22.00 7.49
C PRO B 35 -3.12 21.33 8.65
N VAL B 36 -4.26 21.93 9.04
CA VAL B 36 -5.07 21.43 10.16
C VAL B 36 -6.47 21.32 9.65
N TYR B 37 -7.03 20.11 9.83
CA TYR B 37 -8.41 19.82 9.51
C TYR B 37 -9.13 19.31 10.77
N GLU B 38 -10.44 19.25 10.71
CA GLU B 38 -11.17 18.60 11.73
C GLU B 38 -10.72 17.16 11.96
N ARG B 39 -10.42 16.48 10.88
CA ARG B 39 -9.92 15.11 10.93
C ARG B 39 -8.62 15.00 11.72
N THR B 40 -7.82 16.03 11.65
CA THR B 40 -6.60 16.11 12.44
C THR B 40 -6.92 16.01 13.95
N ILE B 41 -7.91 16.79 14.36
CA ILE B 41 -8.24 16.89 15.78
C ILE B 41 -8.84 15.58 16.23
N GLU B 42 -9.56 15.03 15.28
CA GLU B 42 -10.33 13.86 15.52
C GLU B 42 -9.45 12.66 15.71
N ASN B 43 -8.50 12.49 14.77
CA ASN B 43 -7.44 11.51 14.95
C ASN B 43 -6.68 11.52 16.32
N VAL B 44 -6.29 12.73 16.75
CA VAL B 44 -5.64 12.90 18.01
C VAL B 44 -6.61 12.56 19.12
N LEU B 45 -7.86 13.04 19.01
CA LEU B 45 -8.77 12.78 20.02
C LEU B 45 -9.05 11.33 20.19
N SER B 46 -9.17 10.65 19.05
CA SER B 46 -9.37 9.21 19.02
C SER B 46 -8.23 8.41 19.66
N ALA B 47 -7.01 8.82 19.33
CA ALA B 47 -5.83 8.24 19.94
C ALA B 47 -5.71 8.35 21.48
N ILE B 48 -6.03 9.54 21.96
CA ILE B 48 -6.01 9.87 23.40
C ILE B 48 -6.94 8.94 24.16
N GLN B 49 -8.05 8.60 23.54
CA GLN B 49 -9.00 7.78 24.26
C GLN B 49 -8.47 6.36 24.34
N ALA B 50 -7.64 5.98 23.39
CA ALA B 50 -6.99 4.69 23.43
C ALA B 50 -5.75 4.63 24.29
N SER B 51 -5.01 5.74 24.46
CA SER B 51 -3.77 5.77 25.23
C SER B 51 -3.53 7.12 25.83
N GLY B 52 -3.02 7.13 27.06
CA GLY B 52 -2.50 8.38 27.64
C GLY B 52 -1.02 8.72 27.37
N ASP B 53 -0.29 7.81 26.68
CA ASP B 53 1.17 7.90 26.41
C ASP B 53 1.34 8.75 25.16
N VAL B 54 2.12 9.82 25.28
CA VAL B 54 2.20 10.73 24.17
C VAL B 54 2.72 10.03 22.90
N TRP B 55 3.66 9.09 23.10
CA TRP B 55 4.39 8.48 21.94
C TRP B 55 3.40 7.58 21.16
N ARG B 56 2.59 6.83 21.92
CA ARG B 56 1.48 6.06 21.38
C ARG B 56 0.38 6.88 20.75
N ILE B 57 0.12 8.02 21.31
CA ILE B 57 -0.86 8.97 20.72
C ILE B 57 -0.42 9.37 19.30
N VAL B 58 0.85 9.64 19.21
CA VAL B 58 1.43 10.03 17.91
C VAL B 58 1.30 8.85 16.93
N ASP B 59 1.65 7.66 17.40
CA ASP B 59 1.61 6.42 16.66
C ASP B 59 0.17 6.16 16.13
N LEU B 60 -0.80 6.11 17.05
CA LEU B 60 -2.20 5.84 16.77
C LEU B 60 -2.88 6.91 15.92
N SER B 61 -2.57 8.14 16.17
CA SER B 61 -3.18 9.24 15.40
C SER B 61 -2.69 9.33 13.97
N GLU B 62 -1.47 8.88 13.72
CA GLU B 62 -0.84 8.98 12.42
C GLU B 62 -0.85 10.39 11.90
N GLU B 63 -0.67 11.33 12.81
CA GLU B 63 -0.47 12.75 12.49
C GLU B 63 0.98 13.10 12.82
N PRO B 64 1.57 14.07 12.14
CA PRO B 64 2.96 14.29 12.40
C PRO B 64 3.26 14.68 13.85
N LEU B 65 4.40 14.27 14.41
CA LEU B 65 4.76 14.71 15.76
C LEU B 65 4.53 16.20 16.14
N PRO B 66 5.14 17.15 15.41
CA PRO B 66 4.84 18.58 15.72
C PRO B 66 3.38 18.96 15.68
N LEU B 67 2.62 18.34 14.79
CA LEU B 67 1.15 18.63 14.72
C LEU B 67 0.42 18.04 15.95
N VAL B 68 0.77 16.85 16.33
CA VAL B 68 0.16 16.28 17.55
C VAL B 68 0.48 17.19 18.75
N VAL B 69 1.73 17.69 18.83
CA VAL B 69 2.09 18.52 19.92
C VAL B 69 1.27 19.81 19.87
N ALA B 70 1.23 20.45 18.73
CA ALA B 70 0.32 21.57 18.58
C ALA B 70 -1.12 21.25 19.04
N VAL B 71 -1.70 20.12 18.61
CA VAL B 71 -3.08 19.81 18.94
C VAL B 71 -3.28 19.61 20.43
N VAL B 72 -2.42 18.77 20.99
CA VAL B 72 -2.47 18.48 22.42
C VAL B 72 -2.33 19.74 23.22
N THR B 73 -1.44 20.64 22.82
CA THR B 73 -1.29 21.95 23.47
C THR B 73 -2.57 22.77 23.35
N ALA B 74 -3.16 22.77 22.14
CA ALA B 74 -4.36 23.58 21.92
C ALA B 74 -5.50 23.03 22.78
N LEU B 75 -5.58 21.70 22.84
CA LEU B 75 -6.58 21.07 23.65
C LEU B 75 -6.47 21.42 25.11
N TYR B 76 -5.27 21.39 25.63
CA TYR B 76 -5.05 21.67 27.03
C TYR B 76 -5.44 23.10 27.33
N GLU B 77 -4.89 24.03 26.57
CA GLU B 77 -5.26 25.42 26.65
C GLU B 77 -6.76 25.65 26.71
N LEU B 78 -7.54 24.98 25.89
CA LEU B 78 -8.98 25.15 25.85
C LEU B 78 -9.76 24.31 26.86
N GLY B 79 -9.10 23.53 27.71
CA GLY B 79 -9.74 22.80 28.82
C GLY B 79 -10.18 21.38 28.54
N TYR B 80 -9.89 20.92 27.31
CA TYR B 80 -10.33 19.59 26.89
C TYR B 80 -9.42 18.45 27.37
N VAL B 81 -8.14 18.73 27.67
CA VAL B 81 -7.23 17.71 28.17
C VAL B 81 -6.49 18.20 29.36
N ALA B 82 -6.01 17.24 30.16
CA ALA B 82 -5.12 17.42 31.29
C ALA B 82 -4.03 16.38 31.28
N PHE B 83 -2.97 16.65 32.03
CA PHE B 83 -1.86 15.75 32.26
C PHE B 83 -1.87 15.31 33.70
N GLU B 84 -2.06 14.02 33.96
CA GLU B 84 -2.30 13.55 35.32
C GLU B 84 -1.74 12.17 35.42
N ASN B 85 -0.91 11.95 36.47
CA ASN B 85 -0.06 10.77 36.67
C ASN B 85 0.70 10.43 35.46
N ASN B 86 1.25 11.47 34.83
CA ASN B 86 2.04 11.30 33.63
C ASN B 86 1.34 10.76 32.37
N GLN B 87 0.04 10.96 32.27
CA GLN B 87 -0.70 10.50 31.12
C GLN B 87 -1.34 11.72 30.52
N VAL B 88 -1.57 11.69 29.20
CA VAL B 88 -2.43 12.65 28.57
C VAL B 88 -3.88 12.21 28.56
N ILE B 89 -4.77 13.07 29.08
CA ILE B 89 -6.09 12.63 29.43
C ILE B 89 -7.12 13.64 29.09
N LEU B 90 -8.27 13.14 28.73
CA LEU B 90 -9.46 13.94 28.54
C LEU B 90 -10.04 14.40 29.88
N THR B 91 -10.35 15.71 29.99
CA THR B 91 -11.11 16.28 31.13
C THR B 91 -12.57 15.92 30.93
N ARG B 92 -13.38 16.24 31.94
CA ARG B 92 -14.84 16.26 31.85
C ARG B 92 -15.30 16.94 30.54
N LYS B 93 -14.76 18.10 30.27
CA LYS B 93 -15.07 18.88 29.08
C LYS B 93 -14.66 18.17 27.79
N GLY B 94 -13.55 17.46 27.87
CA GLY B 94 -13.06 16.63 26.77
C GLY B 94 -14.02 15.46 26.48
N LYS B 95 -14.37 14.69 27.51
CA LYS B 95 -15.37 13.61 27.41
C LYS B 95 -16.66 14.09 26.78
N GLU B 96 -17.07 15.30 27.10
CA GLU B 96 -18.27 15.89 26.48
C GLU B 96 -18.05 16.20 25.01
N LEU B 97 -16.87 16.73 24.70
CA LEU B 97 -16.51 17.04 23.34
C LEU B 97 -16.51 15.79 22.44
N VAL B 98 -15.93 14.68 22.88
CA VAL B 98 -15.83 13.51 22.00
C VAL B 98 -17.17 12.85 21.85
N GLU B 99 -17.93 12.97 22.92
CA GLU B 99 -19.28 12.53 22.97
C GLU B 99 -20.14 13.32 21.99
N LYS B 100 -20.08 14.63 22.04
CA LYS B 100 -20.79 15.51 21.07
C LYS B 100 -20.42 15.19 19.61
N TYR B 101 -19.13 14.99 19.32
CA TYR B 101 -18.73 14.73 17.91
C TYR B 101 -18.67 13.27 17.61
N GLY B 102 -19.02 12.38 18.54
CA GLY B 102 -19.03 10.94 18.24
C GLY B 102 -17.68 10.37 17.91
N ILE B 103 -16.61 10.91 18.47
CA ILE B 103 -15.25 10.40 18.25
C ILE B 103 -14.96 9.26 19.27
N GLY B 104 -14.81 8.02 18.80
CA GLY B 104 -14.54 6.86 19.66
C GLY B 104 -13.05 6.63 19.73
N PRO B 105 -12.61 5.75 20.64
CA PRO B 105 -11.21 5.43 20.80
C PRO B 105 -10.69 4.65 19.61
N ARG B 106 -9.45 4.89 19.21
CA ARG B 106 -8.94 4.31 18.00
C ARG B 106 -8.63 2.85 18.20
N ALA B 107 -9.33 2.02 17.45
CA ALA B 107 -9.10 0.60 17.50
C ALA B 107 -7.95 0.30 16.51
N ASP B 108 -7.39 -0.89 16.77
CA ASP B 108 -6.38 -1.44 15.92
C ASP B 108 -6.42 -2.93 15.83
N TYR B 109 -6.22 -3.44 14.60
CA TYR B 109 -6.30 -4.87 14.32
C TYR B 109 -5.05 -5.34 13.57
N THR B 110 -3.96 -4.62 13.76
CA THR B 110 -2.70 -5.05 13.06
C THR B 110 -2.47 -6.58 13.32
N CYS B 111 -2.16 -7.30 12.28
CA CYS B 111 -1.96 -8.73 12.35
C CYS B 111 -0.79 -9.09 13.22
N SER B 112 -1.00 -9.98 14.21
CA SER B 112 0.06 -10.26 15.17
C SER B 112 1.23 -11.10 14.67
N HIS B 113 1.11 -11.87 13.61
CA HIS B 113 2.24 -12.68 13.19
C HIS B 113 3.22 -11.91 12.29
N CYS B 114 2.70 -11.11 11.38
CA CYS B 114 3.57 -10.40 10.47
C CYS B 114 3.74 -8.97 10.89
N GLN B 115 3.11 -8.56 12.00
CA GLN B 115 3.23 -7.22 12.49
C GLN B 115 2.72 -6.24 11.40
N GLY B 116 1.74 -6.65 10.62
CA GLY B 116 1.17 -5.84 9.52
C GLY B 116 1.96 -5.79 8.27
N ARG B 117 3.03 -6.62 8.19
CA ARG B 117 4.00 -6.42 7.10
C ARG B 117 3.55 -7.03 5.77
N THR B 118 2.52 -7.88 5.88
CA THR B 118 1.96 -8.66 4.78
C THR B 118 2.79 -9.85 4.52
N VAL B 119 4.06 -9.87 4.93
CA VAL B 119 4.91 -11.05 4.73
C VAL B 119 5.27 -11.69 6.06
N GLU B 120 5.39 -12.98 6.07
CA GLU B 120 5.88 -13.67 7.26
C GLU B 120 7.34 -14.08 6.99
N ILE B 121 8.15 -14.13 8.04
CA ILE B 121 9.59 -14.46 7.91
C ILE B 121 9.93 -15.81 8.50
N ASP B 122 8.94 -16.64 8.76
CA ASP B 122 9.27 -18.06 9.19
C ASP B 122 10.38 -18.72 8.35
N ALA B 123 10.28 -18.60 7.02
CA ALA B 123 11.21 -19.24 6.14
C ALA B 123 12.56 -18.62 6.13
N PHE B 124 12.69 -17.43 6.69
CA PHE B 124 13.98 -16.77 6.86
C PHE B 124 14.49 -16.83 8.31
N SER B 125 14.09 -17.87 9.05
CA SER B 125 14.50 -17.97 10.37
C SER B 125 16.02 -17.99 10.50
N GLU B 126 16.70 -18.74 9.64
CA GLU B 126 18.16 -18.86 9.74
C GLU B 126 18.87 -17.54 9.35
N LEU B 127 18.37 -16.93 8.32
CA LEU B 127 18.88 -15.66 7.97
C LEU B 127 18.73 -14.67 9.16
N LEU B 128 17.55 -14.63 9.79
CA LEU B 128 17.34 -13.70 10.91
C LEU B 128 18.43 -13.88 11.99
N GLU B 129 18.64 -15.16 12.32
CA GLU B 129 19.51 -15.45 13.40
C GLU B 129 20.96 -15.10 13.00
N GLN B 130 21.35 -15.46 11.79
CA GLN B 130 22.69 -15.18 11.35
C GLN B 130 22.88 -13.62 11.30
N PHE B 131 21.82 -12.88 10.96
CA PHE B 131 21.90 -11.37 10.90
C PHE B 131 22.09 -10.81 12.34
N LYS B 132 21.33 -11.35 13.31
CA LYS B 132 21.45 -10.84 14.67
C LYS B 132 22.83 -11.11 15.18
N GLU B 133 23.36 -12.30 14.88
CA GLU B 133 24.67 -12.68 15.39
C GLU B 133 25.78 -11.84 14.78
N ILE B 134 25.73 -11.64 13.46
CA ILE B 134 26.81 -10.98 12.75
C ILE B 134 26.77 -9.48 13.07
N THR B 135 25.62 -8.95 13.46
CA THR B 135 25.48 -7.54 13.73
C THR B 135 25.66 -7.22 15.23
N ARG B 136 26.07 -8.22 16.03
CA ARG B 136 26.39 -8.12 17.48
C ARG B 136 26.93 -6.75 17.91
N ASP B 137 27.93 -6.29 17.19
CA ASP B 137 28.67 -5.08 17.52
C ASP B 137 28.64 -4.11 16.31
N ARG B 138 27.52 -4.03 15.66
CA ARG B 138 27.33 -3.02 14.67
C ARG B 138 27.50 -1.62 15.24
N PRO B 139 27.72 -0.64 14.36
CA PRO B 139 27.81 0.72 14.91
C PRO B 139 26.57 1.12 15.66
N GLU B 140 26.72 1.86 16.73
CA GLU B 140 25.53 2.26 17.46
C GLU B 140 24.78 3.34 16.69
N PRO B 141 23.48 3.45 16.94
CA PRO B 141 22.76 4.50 16.16
C PRO B 141 23.12 5.95 16.56
N ALA B 142 22.98 6.88 15.63
CA ALA B 142 22.93 8.31 16.00
C ALA B 142 21.84 8.58 17.05
N HIS B 143 21.97 9.65 17.80
CA HIS B 143 21.15 9.77 19.02
C HIS B 143 19.99 10.69 18.74
N GLN B 144 19.20 10.34 17.74
CA GLN B 144 17.91 10.99 17.49
C GLN B 144 16.98 9.89 17.12
N PHE B 145 15.82 9.98 17.73
CA PHE B 145 14.70 9.08 17.49
C PHE B 145 14.46 8.75 15.97
N ASP B 146 14.59 9.75 15.12
CA ASP B 146 14.28 9.60 13.68
C ASP B 146 15.47 9.25 12.77
N GLN B 147 16.60 8.95 13.38
CA GLN B 147 17.80 8.53 12.65
C GLN B 147 18.22 7.16 13.13
N ALA B 148 17.34 6.46 13.82
CA ALA B 148 17.57 5.13 14.28
C ALA B 148 17.58 4.21 13.05
N TYR B 149 18.02 2.98 13.26
CA TYR B 149 17.91 1.96 12.23
C TYR B 149 16.71 1.08 12.57
N VAL B 150 16.31 0.24 11.61
CA VAL B 150 15.13 -0.60 11.76
C VAL B 150 15.54 -1.84 12.55
N THR B 151 14.57 -2.49 13.11
CA THR B 151 14.81 -3.73 13.78
C THR B 151 15.28 -4.81 12.82
N PRO B 152 15.92 -5.85 13.35
CA PRO B 152 16.38 -6.97 12.50
C PRO B 152 15.26 -7.67 11.77
N GLU B 153 14.11 -7.80 12.46
CA GLU B 153 12.95 -8.34 11.91
C GLU B 153 12.47 -7.49 10.72
N THR B 154 12.53 -6.22 10.88
CA THR B 154 12.21 -5.38 9.71
C THR B 154 13.13 -5.70 8.56
N THR B 155 14.43 -5.70 8.82
CA THR B 155 15.34 -5.95 7.78
C THR B 155 15.01 -7.24 7.04
N VAL B 156 14.79 -8.32 7.79
CA VAL B 156 14.58 -9.59 7.17
C VAL B 156 13.23 -9.64 6.45
N ALA B 157 12.23 -8.93 7.03
CA ALA B 157 10.96 -8.82 6.37
C ALA B 157 11.08 -8.06 5.01
N ARG B 158 11.98 -7.11 4.95
CA ARG B 158 12.28 -6.42 3.70
C ARG B 158 12.85 -7.39 2.67
N VAL B 159 13.71 -8.35 3.13
CA VAL B 159 14.27 -9.28 2.16
C VAL B 159 13.17 -10.13 1.59
N ALA B 160 12.34 -10.65 2.49
CA ALA B 160 11.16 -11.47 2.18
C ALA B 160 10.25 -10.75 1.14
N LEU B 161 9.95 -9.51 1.47
CA LEU B 161 9.14 -8.74 0.54
C LEU B 161 9.79 -8.65 -0.77
N MET B 162 11.01 -8.17 -0.81
CA MET B 162 11.63 -7.90 -2.09
C MET B 162 11.83 -9.17 -2.91
N HIS B 163 12.09 -10.32 -2.24
CA HIS B 163 12.21 -11.53 -2.95
C HIS B 163 10.86 -11.97 -3.58
N SER B 164 9.77 -11.83 -2.82
CA SER B 164 8.47 -12.24 -3.21
C SER B 164 8.01 -11.43 -4.39
N ARG B 165 8.59 -10.27 -4.62
CA ARG B 165 8.23 -9.46 -5.86
C ARG B 165 9.23 -9.72 -6.95
N GLY B 166 10.18 -10.63 -6.70
CA GLY B 166 11.14 -10.97 -7.72
C GLY B 166 12.26 -9.97 -7.98
N ASP B 167 12.59 -9.16 -6.98
CA ASP B 167 13.53 -8.03 -7.18
C ASP B 167 14.94 -8.28 -6.62
N LEU B 168 15.25 -9.52 -6.14
CA LEU B 168 16.49 -9.84 -5.52
C LEU B 168 17.32 -10.92 -6.21
N GLU B 169 16.72 -12.06 -6.53
CA GLU B 169 17.47 -13.21 -7.07
C GLU B 169 18.16 -12.94 -8.42
N ASN B 170 19.52 -13.03 -8.43
CA ASN B 170 20.33 -12.67 -9.58
C ASN B 170 20.13 -11.23 -10.02
N LYS B 171 19.70 -10.40 -9.10
CA LYS B 171 19.56 -8.97 -9.42
C LYS B 171 20.76 -8.20 -8.87
N GLU B 172 21.05 -7.09 -9.55
CA GLU B 172 21.98 -6.17 -9.13
C GLU B 172 21.28 -5.07 -8.32
N VAL B 173 21.65 -4.97 -7.06
CA VAL B 173 20.91 -4.24 -6.05
C VAL B 173 21.69 -3.07 -5.45
N PHE B 174 21.13 -1.88 -5.47
CA PHE B 174 21.79 -0.72 -4.98
C PHE B 174 21.15 -0.24 -3.67
N VAL B 175 21.93 -0.09 -2.62
CA VAL B 175 21.51 0.30 -1.30
C VAL B 175 22.03 1.66 -1.04
N LEU B 176 21.14 2.62 -1.05
CA LEU B 176 21.52 4.00 -0.94
C LEU B 176 21.26 4.48 0.51
N GLY B 177 22.35 4.53 1.27
CA GLY B 177 22.40 4.71 2.69
C GLY B 177 22.14 3.33 3.35
N ASP B 178 22.93 2.92 4.32
CA ASP B 178 22.69 1.59 4.90
C ASP B 178 22.91 1.50 6.38
N ASP B 179 22.39 2.47 7.10
CA ASP B 179 22.29 2.32 8.55
C ASP B 179 21.65 1.05 8.99
N ASP B 180 20.66 0.65 8.21
CA ASP B 180 19.94 -0.58 8.48
C ASP B 180 20.71 -1.86 8.32
N LEU B 181 21.88 -1.81 7.65
CA LEU B 181 22.61 -2.97 7.25
C LEU B 181 21.82 -3.98 6.42
N THR B 182 20.99 -3.43 5.55
CA THR B 182 20.29 -4.24 4.59
C THR B 182 21.28 -5.02 3.70
N SER B 183 22.41 -4.39 3.42
CA SER B 183 23.33 -5.10 2.60
C SER B 183 23.82 -6.39 3.28
N VAL B 184 23.95 -6.33 4.57
CA VAL B 184 24.41 -7.56 5.31
C VAL B 184 23.41 -8.67 5.21
N ALA B 185 22.15 -8.32 5.44
CA ALA B 185 21.09 -9.23 5.17
C ALA B 185 21.10 -9.79 3.79
N LEU B 186 21.22 -8.93 2.79
CA LEU B 186 21.28 -9.36 1.43
C LEU B 186 22.43 -10.34 1.10
N MET B 187 23.60 -10.08 1.69
CA MET B 187 24.72 -10.94 1.56
C MET B 187 24.40 -12.29 2.17
N LEU B 188 23.88 -12.30 3.38
CA LEU B 188 23.55 -13.62 4.03
C LEU B 188 22.50 -14.36 3.21
N SER B 189 21.62 -13.63 2.48
CA SER B 189 20.57 -14.32 1.70
C SER B 189 21.15 -15.11 0.54
N GLY B 190 22.32 -14.76 0.08
CA GLY B 190 22.88 -15.31 -1.11
C GLY B 190 22.08 -14.97 -2.34
N LEU B 191 21.13 -14.04 -2.30
CA LEU B 191 20.26 -13.97 -3.51
C LEU B 191 20.80 -13.05 -4.63
N PRO B 192 21.24 -11.88 -4.29
CA PRO B 192 21.56 -11.03 -5.41
C PRO B 192 22.74 -11.52 -6.28
N LYS B 193 22.84 -11.05 -7.53
CA LYS B 193 24.06 -11.19 -8.31
C LYS B 193 25.16 -10.27 -7.74
N ARG B 194 24.80 -9.05 -7.31
CA ARG B 194 25.74 -8.12 -6.66
C ARG B 194 24.97 -7.04 -5.93
N ILE B 195 25.69 -6.39 -5.01
CA ILE B 195 25.16 -5.43 -4.09
C ILE B 195 26.10 -4.25 -4.09
N ALA B 196 25.60 -3.03 -4.35
CA ALA B 196 26.36 -1.85 -4.12
C ALA B 196 25.70 -1.03 -3.03
N VAL B 197 26.53 -0.46 -2.14
CA VAL B 197 26.11 0.39 -1.03
C VAL B 197 26.83 1.72 -1.11
N LEU B 198 26.05 2.77 -0.98
CA LEU B 198 26.50 4.15 -0.94
C LEU B 198 26.25 4.62 0.46
N ASP B 199 27.33 4.88 1.19
CA ASP B 199 27.27 5.51 2.49
C ASP B 199 28.68 6.11 2.66
N ILE B 200 28.67 7.36 3.09
CA ILE B 200 29.89 8.07 3.47
C ILE B 200 30.22 7.84 4.96
N ASP B 201 29.31 7.23 5.72
CA ASP B 201 29.62 6.84 7.06
C ASP B 201 30.56 5.69 7.00
N GLU B 202 31.79 6.05 7.19
CA GLU B 202 32.83 5.11 7.09
C GLU B 202 32.78 3.97 8.19
N ARG B 203 32.15 4.24 9.32
CA ARG B 203 31.98 3.16 10.31
C ARG B 203 31.03 2.17 9.73
N LEU B 204 30.03 2.62 8.96
CA LEU B 204 29.11 1.64 8.37
C LEU B 204 29.77 0.76 7.33
N THR B 205 30.50 1.41 6.42
CA THR B 205 31.03 0.72 5.26
C THR B 205 32.16 -0.15 5.65
N LYS B 206 32.94 0.27 6.61
CA LYS B 206 33.89 -0.66 7.20
C LYS B 206 33.26 -1.91 7.85
N PHE B 207 32.19 -1.71 8.59
CA PHE B 207 31.52 -2.82 9.22
C PHE B 207 31.00 -3.78 8.14
N ILE B 208 30.48 -3.22 7.07
CA ILE B 208 29.90 -3.98 5.98
C ILE B 208 31.01 -4.81 5.34
N GLU B 209 32.19 -4.19 5.16
CA GLU B 209 33.35 -4.93 4.60
C GLU B 209 33.72 -6.07 5.47
N LYS B 210 33.75 -5.82 6.77
CA LYS B 210 34.15 -6.90 7.67
C LYS B 210 33.17 -8.08 7.62
N ALA B 211 31.88 -7.78 7.72
CA ALA B 211 30.85 -8.80 7.54
C ALA B 211 31.04 -9.50 6.21
N ALA B 212 31.26 -8.73 5.11
CA ALA B 212 31.55 -9.43 3.86
C ALA B 212 32.70 -10.45 3.94
N ASP B 213 33.84 -10.02 4.49
CA ASP B 213 35.02 -10.91 4.63
C ASP B 213 34.71 -12.13 5.52
N GLU B 214 33.95 -11.90 6.56
CA GLU B 214 33.55 -12.94 7.42
C GLU B 214 32.68 -13.94 6.70
N ILE B 215 31.79 -13.51 5.85
CA ILE B 215 30.88 -14.40 5.11
C ILE B 215 31.55 -14.96 3.89
N GLY B 216 32.60 -14.31 3.39
CA GLY B 216 33.24 -14.69 2.15
C GLY B 216 32.50 -14.12 0.94
N TYR B 217 31.79 -13.01 1.07
CA TYR B 217 30.89 -12.56 -0.03
C TYR B 217 31.72 -11.64 -0.87
N GLU B 218 31.85 -11.94 -2.16
CA GLU B 218 32.75 -11.18 -3.05
C GLU B 218 32.07 -10.23 -3.93
N ASN B 219 30.75 -10.25 -4.00
CA ASN B 219 30.04 -9.39 -5.03
C ASN B 219 29.43 -8.16 -4.44
N ILE B 220 30.17 -7.53 -3.54
CA ILE B 220 29.74 -6.37 -2.85
C ILE B 220 30.68 -5.26 -3.16
N GLU B 221 30.12 -4.11 -3.36
CA GLU B 221 30.93 -2.92 -3.55
C GLU B 221 30.47 -1.70 -2.77
N ILE B 222 31.47 -0.91 -2.32
CA ILE B 222 31.23 0.28 -1.56
C ILE B 222 31.41 1.51 -2.47
N PHE B 223 30.43 2.37 -2.58
CA PHE B 223 30.55 3.61 -3.34
C PHE B 223 30.65 4.68 -2.26
N THR B 224 31.34 5.77 -2.58
CA THR B 224 31.49 6.89 -1.66
C THR B 224 31.38 8.20 -2.38
N PHE B 225 30.90 8.22 -3.63
CA PHE B 225 30.75 9.50 -4.34
C PHE B 225 29.82 10.50 -3.59
N ASP B 226 29.93 11.74 -3.96
CA ASP B 226 29.03 12.75 -3.47
C ASP B 226 27.71 12.70 -4.22
N LEU B 227 26.68 12.54 -3.44
CA LEU B 227 25.34 12.29 -3.97
C LEU B 227 24.82 13.58 -4.59
N ARG B 228 25.29 14.70 -4.07
CA ARG B 228 24.91 16.02 -4.60
C ARG B 228 25.35 16.18 -6.00
N LYS B 229 26.40 15.46 -6.39
CA LYS B 229 26.94 15.47 -7.74
C LYS B 229 26.22 14.46 -8.62
N PRO B 230 26.17 14.73 -9.94
CA PRO B 230 25.63 13.78 -10.87
C PRO B 230 26.21 12.36 -10.64
N LEU B 231 25.44 11.30 -10.89
CA LEU B 231 25.89 9.95 -10.59
C LEU B 231 27.08 9.63 -11.50
N PRO B 232 28.07 8.92 -10.99
CA PRO B 232 29.04 8.44 -11.98
C PRO B 232 28.50 7.37 -12.92
N ASP B 233 29.24 7.22 -14.00
CA ASP B 233 28.87 6.29 -15.05
C ASP B 233 28.79 4.84 -14.53
N TYR B 234 29.49 4.49 -13.44
CA TYR B 234 29.38 3.12 -12.87
C TYR B 234 28.14 2.86 -11.97
N ALA B 235 27.41 3.92 -11.69
CA ALA B 235 26.13 3.84 -11.00
C ALA B 235 24.91 4.15 -11.90
N LEU B 236 25.05 5.02 -12.90
CA LEU B 236 23.96 5.46 -13.74
C LEU B 236 23.41 4.28 -14.55
N HIS B 237 22.12 3.99 -14.38
CA HIS B 237 21.45 2.92 -15.14
C HIS B 237 22.11 1.55 -15.07
N LYS B 238 22.70 1.23 -13.94
CA LYS B 238 23.41 -0.05 -13.82
C LYS B 238 22.77 -1.11 -12.90
N PHE B 239 21.61 -0.80 -12.27
CA PHE B 239 20.93 -1.69 -11.28
C PHE B 239 19.51 -2.14 -11.64
N ASP B 240 19.16 -3.26 -11.03
CA ASP B 240 17.80 -3.79 -11.17
C ASP B 240 16.87 -3.30 -10.07
N THR B 241 17.40 -3.03 -8.88
CA THR B 241 16.58 -2.71 -7.71
C THR B 241 17.34 -1.77 -6.84
N PHE B 242 16.69 -0.84 -6.18
CA PHE B 242 17.33 -0.05 -5.15
C PHE B 242 16.48 0.07 -3.95
N ILE B 243 17.13 0.37 -2.88
CA ILE B 243 16.45 0.60 -1.62
C ILE B 243 17.10 1.80 -0.91
N THR B 244 16.30 2.70 -0.33
CA THR B 244 16.81 3.83 0.37
C THR B 244 15.78 4.25 1.38
N ASP B 245 16.18 4.94 2.41
CA ASP B 245 15.28 5.56 3.39
C ASP B 245 15.52 7.06 3.34
N PRO B 246 14.74 7.79 2.63
CA PRO B 246 15.09 9.18 2.52
C PRO B 246 14.71 10.01 3.77
N PRO B 247 15.49 11.07 3.99
CA PRO B 247 14.99 12.08 4.92
C PRO B 247 13.53 12.51 4.59
N GLU B 248 12.77 12.88 5.60
CA GLU B 248 11.33 13.13 5.40
C GLU B 248 11.03 14.56 4.90
N THR B 249 11.57 14.94 3.77
CA THR B 249 11.16 16.20 3.16
C THR B 249 10.91 15.88 1.70
N VAL B 250 10.12 16.71 1.05
CA VAL B 250 9.82 16.42 -0.34
C VAL B 250 11.10 16.48 -1.15
N GLU B 251 11.82 17.54 -0.92
CA GLU B 251 13.07 17.77 -1.62
C GLU B 251 14.12 16.63 -1.40
N ALA B 252 14.17 16.04 -0.23
CA ALA B 252 15.10 14.92 0.01
C ALA B 252 14.61 13.67 -0.62
N ILE B 253 13.30 13.48 -0.62
CA ILE B 253 12.69 12.34 -1.32
C ILE B 253 12.92 12.43 -2.81
N ARG B 254 12.77 13.63 -3.38
CA ARG B 254 13.11 13.74 -4.74
C ARG B 254 14.53 13.39 -5.03
N ALA B 255 15.45 13.87 -4.21
CA ALA B 255 16.84 13.59 -4.41
C ALA B 255 17.21 12.12 -4.18
N PHE B 256 16.75 11.56 -3.11
CA PHE B 256 17.21 10.20 -2.79
C PHE B 256 16.54 9.17 -3.64
N VAL B 257 15.19 9.22 -3.70
CA VAL B 257 14.44 8.35 -4.58
C VAL B 257 14.70 8.61 -6.04
N GLY B 258 14.73 9.87 -6.44
CA GLY B 258 15.11 10.15 -7.86
C GLY B 258 16.51 9.69 -8.28
N ARG B 259 17.47 9.82 -7.35
CA ARG B 259 18.83 9.23 -7.58
C ARG B 259 18.71 7.71 -7.67
N GLY B 260 17.95 7.11 -6.77
CA GLY B 260 17.72 5.70 -6.87
C GLY B 260 17.14 5.26 -8.23
N ILE B 261 16.13 5.99 -8.68
CA ILE B 261 15.53 5.68 -9.96
C ILE B 261 16.55 5.83 -11.08
N ALA B 262 17.44 6.84 -11.00
CA ALA B 262 18.39 7.04 -12.07
C ALA B 262 19.42 5.92 -12.09
N THR B 263 19.59 5.14 -10.97
CA THR B 263 20.50 4.00 -11.04
C THR B 263 19.94 2.77 -11.76
N LEU B 264 18.63 2.78 -11.94
CA LEU B 264 17.95 1.67 -12.54
C LEU B 264 18.22 1.60 -14.01
N LYS B 265 18.25 0.38 -14.56
CA LYS B 265 18.47 0.16 -16.00
C LYS B 265 17.49 0.71 -16.99
N GLY B 266 16.21 0.70 -16.63
CA GLY B 266 15.18 0.94 -17.63
C GLY B 266 13.86 0.45 -17.04
N PRO B 267 12.85 0.26 -17.88
CA PRO B 267 11.58 -0.18 -17.39
C PRO B 267 11.69 -1.53 -16.73
N GLY B 268 10.81 -1.77 -15.83
CA GLY B 268 10.72 -3.11 -15.20
C GLY B 268 11.58 -3.25 -14.00
N CYS B 269 12.05 -2.13 -13.46
CA CYS B 269 12.98 -2.20 -12.32
C CYS B 269 12.24 -1.75 -11.08
N ALA B 270 12.77 -2.02 -9.90
CA ALA B 270 12.07 -1.77 -8.69
C ALA B 270 12.85 -0.78 -7.76
N GLY B 271 12.10 -0.02 -6.98
CA GLY B 271 12.59 0.77 -5.84
C GLY B 271 11.75 0.50 -4.57
N TYR B 272 12.41 0.54 -3.43
CA TYR B 272 11.84 0.43 -2.14
C TYR B 272 12.32 1.56 -1.21
N PHE B 273 11.43 2.23 -0.48
CA PHE B 273 11.76 3.19 0.45
C PHE B 273 10.65 3.44 1.43
N GLY B 274 11.04 4.09 2.50
CA GLY B 274 10.22 4.36 3.66
C GLY B 274 9.68 5.77 3.68
N ILE B 275 8.37 5.93 3.93
CA ILE B 275 7.82 7.27 4.19
C ILE B 275 7.02 7.21 5.47
N THR B 276 7.15 8.20 6.32
CA THR B 276 6.53 8.18 7.62
C THR B 276 5.25 9.02 7.70
N ARG B 277 4.38 8.69 8.61
CA ARG B 277 3.28 9.61 9.02
C ARG B 277 3.71 10.46 10.24
N ARG B 278 4.84 10.06 10.85
CA ARG B 278 5.41 10.73 12.00
C ARG B 278 5.97 12.11 11.66
N GLU B 279 6.38 12.32 10.46
CA GLU B 279 7.08 13.58 10.10
C GLU B 279 6.64 14.18 8.84
N SER B 280 5.72 13.50 8.17
CA SER B 280 5.22 14.00 6.89
C SER B 280 3.69 13.95 6.96
N SER B 281 3.06 15.12 6.80
CA SER B 281 1.60 15.21 6.74
C SER B 281 1.11 14.59 5.47
N LEU B 282 -0.17 14.30 5.45
CA LEU B 282 -0.73 13.79 4.23
C LEU B 282 -0.79 14.85 3.11
N ASP B 283 -0.80 16.11 3.46
CA ASP B 283 -0.60 17.14 2.35
C ASP B 283 0.75 17.03 1.74
N LYS B 284 1.73 16.72 2.56
CA LYS B 284 3.10 16.40 2.05
C LYS B 284 3.11 15.10 1.30
N TRP B 285 2.56 14.00 1.86
CA TRP B 285 2.42 12.81 1.05
C TRP B 285 1.82 13.06 -0.35
N ARG B 286 0.78 13.83 -0.49
CA ARG B 286 0.23 14.16 -1.83
C ARG B 286 1.30 14.73 -2.80
N GLU B 287 2.07 15.63 -2.28
CA GLU B 287 3.19 16.20 -3.08
C GLU B 287 4.27 15.19 -3.42
N ILE B 288 4.52 14.25 -2.49
CA ILE B 288 5.51 13.26 -2.71
C ILE B 288 5.00 12.35 -3.79
N GLN B 289 3.73 11.94 -3.69
CA GLN B 289 3.13 11.09 -4.71
C GLN B 289 3.08 11.74 -6.10
N ARG B 290 2.85 13.00 -6.12
CA ARG B 290 2.86 13.71 -7.44
C ARG B 290 4.25 13.77 -7.98
N VAL B 291 5.26 13.84 -7.10
CA VAL B 291 6.61 13.68 -7.61
C VAL B 291 6.84 12.39 -8.27
N LEU B 292 6.47 11.29 -7.56
CA LEU B 292 6.76 10.02 -8.11
C LEU B 292 6.02 9.79 -9.43
N LEU B 293 4.76 10.21 -9.50
CA LEU B 293 3.92 9.86 -10.64
C LEU B 293 4.06 10.81 -11.83
N ASN B 294 4.38 12.02 -11.53
CA ASN B 294 4.56 13.08 -12.66
C ASN B 294 5.97 13.41 -12.99
N GLU B 295 6.85 13.63 -12.00
CA GLU B 295 8.25 14.01 -12.31
CA GLU B 295 8.21 14.07 -12.30
C GLU B 295 9.00 12.80 -12.71
N PHE B 296 8.83 11.70 -11.95
CA PHE B 296 9.47 10.50 -12.30
C PHE B 296 8.66 9.52 -13.16
N GLY B 297 7.35 9.61 -13.19
CA GLY B 297 6.64 8.68 -14.06
C GLY B 297 6.76 7.22 -13.61
N VAL B 298 6.95 6.99 -12.34
CA VAL B 298 6.89 5.56 -11.90
C VAL B 298 5.54 5.27 -11.31
N VAL B 299 5.29 3.97 -10.94
CA VAL B 299 3.99 3.57 -10.48
C VAL B 299 4.25 3.02 -9.10
N ILE B 300 3.31 3.30 -8.18
CA ILE B 300 3.46 2.85 -6.82
C ILE B 300 2.74 1.55 -6.76
N THR B 301 3.41 0.48 -6.46
CA THR B 301 2.71 -0.79 -6.43
C THR B 301 2.34 -1.25 -5.04
N ASP B 302 2.96 -0.70 -4.00
CA ASP B 302 2.60 -1.07 -2.65
C ASP B 302 2.80 0.07 -1.70
N ILE B 303 1.87 0.29 -0.77
CA ILE B 303 2.08 1.18 0.33
C ILE B 303 1.60 0.43 1.58
N ILE B 304 2.51 0.04 2.46
CA ILE B 304 2.16 -0.86 3.55
C ILE B 304 2.48 -0.14 4.86
N ARG B 305 1.44 0.13 5.63
CA ARG B 305 1.51 0.88 6.82
C ARG B 305 2.49 0.21 7.87
N ASN B 306 3.36 1.04 8.43
CA ASN B 306 4.21 0.66 9.54
C ASN B 306 5.01 -0.55 9.28
N PHE B 307 5.38 -0.77 8.01
CA PHE B 307 6.19 -1.96 7.67
C PHE B 307 7.51 -1.92 8.43
N ASN B 308 8.10 -0.72 8.46
CA ASN B 308 9.35 -0.45 9.10
C ASN B 308 9.19 0.05 10.51
N GLU B 309 9.73 -0.75 11.45
CA GLU B 309 9.82 -0.45 12.86
C GLU B 309 11.21 -0.02 13.27
N TYR B 310 11.36 1.18 13.81
CA TYR B 310 12.67 1.73 14.14
C TYR B 310 12.97 1.40 15.61
N VAL B 311 14.24 1.11 15.91
CA VAL B 311 14.62 0.76 17.31
C VAL B 311 14.63 2.07 18.15
N ASN B 312 14.08 1.97 19.33
CA ASN B 312 13.91 3.08 20.23
C ASN B 312 14.98 3.07 21.34
N TRP B 313 15.77 4.12 21.40
CA TRP B 313 16.65 4.34 22.57
C TRP B 313 16.30 5.50 23.49
N GLY B 314 15.14 6.14 23.29
CA GLY B 314 14.69 7.15 24.18
C GLY B 314 15.29 8.46 23.70
N TYR B 315 15.82 8.56 22.46
CA TYR B 315 16.47 9.83 22.00
C TYR B 315 15.47 10.87 21.55
N VAL B 316 14.65 11.34 22.48
CA VAL B 316 13.60 12.29 22.13
C VAL B 316 13.70 13.66 22.81
N GLU B 317 14.80 13.89 23.53
CA GLU B 317 14.89 15.00 24.46
C GLU B 317 15.03 16.33 23.75
N GLU B 318 15.33 16.35 22.47
CA GLU B 318 15.28 17.60 21.71
C GLU B 318 13.86 17.91 21.23
N THR B 319 12.95 17.00 21.27
CA THR B 319 11.68 17.29 20.64
C THR B 319 10.91 18.27 21.48
N ARG B 320 10.06 19.02 20.81
CA ARG B 320 9.13 19.86 21.50
C ARG B 320 8.23 19.05 22.47
N ALA B 321 7.84 17.88 22.04
CA ALA B 321 7.01 17.03 22.94
C ALA B 321 7.67 16.84 24.30
N TRP B 322 8.97 16.56 24.27
CA TRP B 322 9.74 16.33 25.49
C TRP B 322 9.94 17.63 26.26
N ARG B 323 10.33 18.68 25.53
CA ARG B 323 10.74 19.92 26.10
C ARG B 323 9.61 20.70 26.72
N LEU B 324 8.48 20.82 26.03
CA LEU B 324 7.52 21.80 26.44
C LEU B 324 6.27 21.25 27.01
N LEU B 325 6.08 19.97 26.99
CA LEU B 325 4.95 19.33 27.66
C LEU B 325 5.35 18.85 29.07
N PRO B 326 4.41 18.83 30.03
CA PRO B 326 4.77 18.45 31.42
C PRO B 326 5.09 16.98 31.67
N ILE B 327 4.68 16.09 30.80
CA ILE B 327 5.00 14.69 30.94
C ILE B 327 6.39 14.47 30.33
N LYS B 328 7.25 13.80 31.05
CA LYS B 328 8.63 13.66 30.64
C LYS B 328 8.96 12.22 30.82
N VAL B 329 8.22 11.39 30.08
CA VAL B 329 8.41 9.95 30.04
C VAL B 329 8.89 9.63 28.67
N LYS B 330 10.00 8.91 28.59
CA LYS B 330 10.52 8.37 27.36
C LYS B 330 9.59 7.32 26.75
N PRO B 331 9.66 7.13 25.44
CA PRO B 331 8.79 6.07 24.89
C PRO B 331 9.25 4.70 25.39
N SER B 332 8.34 3.78 25.58
CA SER B 332 8.70 2.43 26.13
C SER B 332 8.57 1.32 25.13
N TYR B 333 8.41 1.63 23.84
CA TYR B 333 8.33 0.65 22.76
C TYR B 333 8.79 1.47 21.50
N ASN B 334 8.90 0.74 20.42
CA ASN B 334 9.32 1.28 19.11
C ASN B 334 8.16 2.04 18.43
N TRP B 335 7.89 3.18 18.94
CA TRP B 335 6.80 4.01 18.53
C TRP B 335 7.02 4.61 17.13
N TYR B 336 8.24 4.58 16.68
CA TYR B 336 8.62 5.31 15.43
C TYR B 336 8.63 4.33 14.30
N LYS B 337 7.71 4.50 13.32
CA LYS B 337 7.50 3.49 12.22
C LYS B 337 7.24 4.22 10.93
N SER B 338 7.59 3.60 9.80
CA SER B 338 7.39 4.18 8.50
C SER B 338 6.69 3.19 7.61
N TYR B 339 6.08 3.72 6.55
CA TYR B 339 5.38 2.87 5.59
C TYR B 339 6.41 2.41 4.57
N MET B 340 6.27 1.18 4.06
CA MET B 340 7.02 0.69 2.90
C MET B 340 6.32 1.10 1.62
N PHE B 341 7.01 1.85 0.79
CA PHE B 341 6.56 2.12 -0.57
C PHE B 341 7.39 1.23 -1.51
N ARG B 342 6.73 0.59 -2.50
CA ARG B 342 7.42 -0.06 -3.60
C ARG B 342 6.98 0.70 -4.89
N ILE B 343 7.94 0.99 -5.74
CA ILE B 343 7.66 1.52 -7.07
C ILE B 343 8.26 0.64 -8.14
N GLN B 344 7.76 0.79 -9.37
CA GLN B 344 8.27 0.10 -10.51
C GLN B 344 8.33 1.04 -11.70
N THR B 345 9.37 0.89 -12.45
CA THR B 345 9.55 1.69 -13.66
C THR B 345 8.86 1.15 -14.91
N LEU B 346 8.58 2.06 -15.84
CA LEU B 346 7.72 1.80 -16.91
C LEU B 346 8.25 2.64 -18.12
N GLU B 347 7.76 2.36 -19.28
CA GLU B 347 8.19 3.22 -20.42
C GLU B 347 8.11 4.69 -20.02
N GLY B 348 9.17 5.45 -20.26
CA GLY B 348 9.13 6.93 -20.08
C GLY B 348 9.40 7.31 -18.61
N SER B 349 9.54 6.38 -17.65
CA SER B 349 10.03 6.75 -16.34
C SER B 349 11.41 7.45 -16.30
N LYS B 350 11.64 8.31 -15.33
CA LYS B 350 12.96 8.92 -15.16
C LYS B 350 13.21 9.25 -13.69
N GLY B 351 14.48 9.34 -13.35
CA GLY B 351 14.86 9.76 -12.01
C GLY B 351 15.29 11.19 -11.96
N PHE B 352 16.11 11.50 -10.97
CA PHE B 352 16.60 12.85 -10.70
C PHE B 352 18.10 12.76 -10.87
N GLU B 353 18.60 13.43 -11.90
CA GLU B 353 19.99 13.39 -12.25
C GLU B 353 20.77 14.70 -12.02
N ASP B 354 20.07 15.82 -11.76
CA ASP B 354 20.74 17.11 -11.55
C ASP B 354 21.54 17.13 -10.26
N GLU B 355 22.45 18.06 -10.21
CA GLU B 355 23.06 18.47 -8.99
C GLU B 355 22.02 18.77 -7.88
N ILE B 356 22.30 18.33 -6.69
CA ILE B 356 21.52 18.67 -5.53
C ILE B 356 22.19 19.83 -4.94
N THR B 357 21.56 20.98 -5.07
CA THR B 357 22.20 22.29 -4.89
C THR B 357 21.79 22.93 -3.53
N VAL B 358 21.02 22.22 -2.73
CA VAL B 358 20.78 22.63 -1.36
C VAL B 358 21.50 21.65 -0.44
N GLY B 359 22.08 22.21 0.63
CA GLY B 359 22.95 21.51 1.56
C GLY B 359 22.19 20.84 2.62
N GLN B 360 22.51 21.15 3.87
CA GLN B 360 21.73 20.61 5.00
C GLN B 360 20.21 20.99 5.03
N GLU B 361 19.78 22.12 4.45
CA GLU B 361 18.33 22.45 4.32
C GLU B 361 17.47 21.34 3.57
N LEU B 362 18.13 20.51 2.76
CA LEU B 362 17.50 19.30 2.17
C LEU B 362 16.79 18.41 3.20
N TYR B 363 17.36 18.37 4.41
CA TYR B 363 16.98 17.46 5.51
C TYR B 363 15.87 18.00 6.45
N ASP B 364 15.50 19.29 6.40
CA ASP B 364 14.32 19.87 7.15
C ASP B 364 13.41 20.70 6.26
N ASP B 365 12.18 20.84 6.73
CA ASP B 365 11.20 21.72 6.09
C ASP B 365 10.37 22.47 7.17
N GLU B 366 9.45 23.33 6.71
CA GLU B 366 8.36 23.93 7.52
C GLU B 366 7.65 22.99 8.56
N GLU B 367 7.45 21.73 8.23
CA GLU B 367 6.92 20.72 9.19
C GLU B 367 7.94 20.15 10.24
N SER B 368 9.03 20.90 10.53
CA SER B 368 10.08 20.54 11.60
C SER B 368 10.89 19.36 11.15
FE FE C . -0.24 -11.12 8.92
S SO4 D . 18.41 -9.90 -25.56
O1 SO4 D . 18.90 -10.58 -24.35
O2 SO4 D . 17.45 -10.85 -26.17
O3 SO4 D . 19.50 -9.59 -26.53
O4 SO4 D . 17.76 -8.60 -25.32
C1 GOL E . 13.03 -12.59 -11.11
C1 GOL E . 12.50 -13.50 -11.65
O1 GOL E . 11.56 -12.49 -10.96
O1 GOL E . 11.70 -12.37 -11.16
C2 GOL E . 13.21 -14.12 -10.62
C2 GOL E . 13.46 -14.19 -10.44
O2 GOL E . 14.63 -14.59 -10.84
O2 GOL E . 14.90 -14.11 -10.58
C3 GOL E . 12.43 -14.29 -9.22
C3 GOL E . 13.30 -13.70 -8.92
O3 GOL E . 13.00 -15.22 -8.25
O3 GOL E . 13.08 -14.78 -7.95
S SO4 F . -18.02 23.45 14.50
O1 SO4 F . -18.36 22.05 14.86
O2 SO4 F . -17.03 23.89 15.51
O3 SO4 F . -17.46 23.64 13.13
O4 SO4 F . -19.23 24.32 14.64
#